data_9QRN
#
_entry.id   9QRN
#
_cell.length_a   1.00
_cell.length_b   1.00
_cell.length_c   1.00
_cell.angle_alpha   90.00
_cell.angle_beta   90.00
_cell.angle_gamma   90.00
#
_symmetry.space_group_name_H-M   'P 1'
#
loop_
_entity.id
_entity.type
_entity.pdbx_description
1 polymer 'DNA polymerase III PolC-type'
2 polymer "DNA (5'-D(P*TP*AP*A)-3')"
3 non-polymer 'ZINC ION'
4 non-polymer 'MAGNESIUM ION'
5 water water
#
loop_
_entity_poly.entity_id
_entity_poly.type
_entity_poly.pdbx_seq_one_letter_code
_entity_poly.pdbx_strand_id
1 'polypeptide(L)'
;MGSSHHHHHHSSGLVPRGSHMHMSEKRDLFEKLLEQIQLEEAEKNHPLLTAGEMDSVVVHRKSRLWEFTLHFSKILPIML
YRSLTQHLTIAFKDIAQVKLNILADDQTFDEQLLQDYWAQALENQQCDTPLAQQVLKTQVPVIKDRKVILPIDSTGAISY
LKQQYLPLVEELFVSYGFPKFRIEPEVDEQQAERVLKLFEERKQEQAEAFMKQAAESLVVHEQKKKERKEQSPALEGPIH
IQLGRNIPADEPTTPMISIVEEERRVTLEGYVFDKEVRELRSKRKILTLKITDYTSSFIVKKFSNGEKDEQVFDAISVGS
WLKVRGSIQEDTFVRDLVMNAQDIIEVKHTPRKDYAPEGEKRVELHVHSNMSTMDATNSISDLVAQAGKWGHRAIAITDH
GGAQAFPEAHSAGKKAGVKILYGVEANVVDDGVPIAYNDAHEALSEATYVVFAVATTGLSAVYDTIIELAAVKMYKGNVI
ESFDEFIDPGHPLSRTTVDLTGITDGMVRGSKSEEEVLRMFLEFSKDTILVAHNAAFDMGFLNTSYARYGIPEAANPVID
TLELARYLYPQFKRFGLGVLSKKFGVSLEQHHRAIYDAEATGHLAWIFVKEAMDNHNMLYHDQLNEHIGEGDSYKRARPF
HVTILAKNQAGLKDLFKLISMSNVEYFERVPRIPRSQLKKMRENLLIGSACDKGEIFEAMMQKGVEEARNRAKFYDYIEV
MPKAVYAPLIEQELVKNEHDLEEIIQNLVEIGKSLDKIVVATGNVHYLNEEDAIYRKILINSMGGANPLNRHSLPDVHFR
TTDEMLTAFHFLGEETAKEIVVENTNKIADICEEVIPVKDELYTPKIPGSEDEISELSYTKAKQMYGDPLPEIIQKRLKK
ELNSINGNGFSVIYLIAQKLVHKSNEDGYLVGSRGSVGSSFVATMTGITEVNPLAPHYYCPECQYSEFFEDGTYGSGFDM
PEKQCPKCGARLNKDGHDIPFETFLGFHGDKVPDIDLNFSGDYQAEAHNYTKVLFGEDYVYRAGTIGTVADKTAYGYVKG
YERDNNLQFRSAEVDRLAKGATGVKRTTGQHPGGIIVIPDYMDVYDFTPIQYPADDQNSEWKTTHFDFHSIHDNVLKLDI
LGHDDPTVIRMLQDLSGIDPQTIPTDDPEVMRIFAGPEVLGVSQEQIYSKTGTLGIPEFGTRFVRGMLEETHPTTFAELL
QISGLSHGTDVWLGNAEELIRRGDATLAEVIGCRDDIMVYLIHAGLDSGMAFKIMETVRKGQWNKIPDELRETYLSAMKE
NNVPDWYIDSCSKIKYMFPKAHAAAYVLMALRVAYFKVYFPILYYCAYFSVRADDFDLVSMCKGKDAVKQAMKEITDKGL
DASVKEKNQLTVLELANEMLERGFKFGMIDLYKSDAVNFVIEGDTLIAPFRAVPSLGTNVAKQIVEARKDGPFLSKEDLA
TRGKVSKTLIEYMNDNGVLKDLPDENQLSLFDML
;
A
2 'polydeoxyribonucleotide' (DT)(DA)(DA) E
#
# COMPACT_ATOMS: atom_id res chain seq x y z
N TYR A 271 -28.88 -19.55 6.19
CA TYR A 271 -28.17 -18.65 7.14
C TYR A 271 -28.34 -17.21 6.67
N VAL A 272 -28.63 -16.29 7.59
CA VAL A 272 -28.89 -14.87 7.19
C VAL A 272 -27.56 -14.14 7.05
N PHE A 273 -27.18 -13.78 5.83
CA PHE A 273 -25.87 -13.14 5.61
C PHE A 273 -26.04 -11.66 5.29
N ASP A 274 -27.23 -11.11 5.51
CA ASP A 274 -27.47 -9.66 5.28
C ASP A 274 -28.88 -9.26 5.71
N LYS A 290 -31.81 -11.98 1.72
CA LYS A 290 -30.40 -12.43 1.81
C LYS A 290 -30.28 -13.59 2.82
N ILE A 291 -30.62 -14.82 2.40
CA ILE A 291 -30.45 -16.02 3.29
C ILE A 291 -29.67 -17.08 2.50
N THR A 292 -28.69 -17.73 3.13
CA THR A 292 -27.84 -18.68 2.38
C THR A 292 -27.91 -20.09 2.98
N ASP A 293 -28.15 -21.09 2.14
CA ASP A 293 -28.27 -22.49 2.63
C ASP A 293 -26.90 -23.16 2.52
N TYR A 294 -25.89 -22.39 2.09
CA TYR A 294 -24.53 -22.97 1.87
C TYR A 294 -24.63 -23.80 0.59
N THR A 295 -25.78 -23.69 -0.10
CA THR A 295 -25.97 -24.40 -1.40
C THR A 295 -26.37 -23.35 -2.43
N SER A 296 -27.26 -22.41 -2.04
CA SER A 296 -27.60 -21.31 -2.96
C SER A 296 -28.13 -20.11 -2.16
N SER A 297 -28.55 -19.05 -2.84
CA SER A 297 -28.95 -17.82 -2.10
C SER A 297 -30.33 -17.33 -2.54
N PHE A 298 -31.01 -16.58 -1.68
CA PHE A 298 -32.35 -16.03 -2.01
C PHE A 298 -32.63 -14.81 -1.13
N ILE A 299 -33.77 -14.13 -1.36
CA ILE A 299 -34.10 -12.89 -0.60
C ILE A 299 -35.48 -13.05 0.03
N VAL A 300 -35.54 -13.38 1.32
CA VAL A 300 -36.79 -13.47 2.04
C VAL A 300 -37.37 -12.07 2.16
N HIS A 349 -28.23 -22.81 14.92
CA HIS A 349 -27.29 -23.64 14.18
C HIS A 349 -26.07 -23.89 15.05
N THR A 350 -25.71 -25.15 15.22
CA THR A 350 -24.53 -25.47 15.99
C THR A 350 -23.28 -25.15 15.18
N PRO A 351 -22.35 -24.37 15.71
CA PRO A 351 -21.10 -24.10 14.99
C PRO A 351 -20.20 -25.31 15.01
N ARG A 352 -19.17 -25.26 14.17
CA ARG A 352 -18.14 -26.28 14.21
C ARG A 352 -17.50 -26.33 15.60
N LYS A 353 -17.34 -27.54 16.12
CA LYS A 353 -16.76 -27.73 17.44
C LYS A 353 -15.52 -28.59 17.36
N ASP A 354 -14.61 -28.36 18.30
CA ASP A 354 -13.44 -29.22 18.48
C ASP A 354 -13.77 -30.24 19.56
N TYR A 355 -13.97 -31.49 19.15
CA TYR A 355 -14.44 -32.53 20.05
C TYR A 355 -13.33 -33.17 20.87
N ALA A 356 -12.08 -32.79 20.64
CA ALA A 356 -10.98 -33.37 21.40
C ALA A 356 -11.05 -32.95 22.85
N PRO A 357 -10.40 -33.69 23.74
CA PRO A 357 -10.37 -33.30 25.15
C PRO A 357 -9.69 -31.96 25.33
N GLU A 358 -9.94 -31.34 26.49
CA GLU A 358 -9.46 -29.98 26.72
C GLU A 358 -7.95 -29.88 26.65
N GLY A 359 -7.24 -30.82 27.27
CA GLY A 359 -5.79 -30.77 27.24
C GLY A 359 -5.16 -31.27 25.97
N GLU A 360 -5.91 -31.98 25.14
CA GLU A 360 -5.39 -32.61 23.93
C GLU A 360 -5.79 -31.86 22.67
N LYS A 361 -5.78 -30.52 22.71
CA LYS A 361 -6.07 -29.73 21.54
C LYS A 361 -4.81 -29.47 20.72
N ARG A 362 -4.99 -29.36 19.41
CA ARG A 362 -3.89 -29.07 18.51
C ARG A 362 -3.57 -27.58 18.53
N VAL A 363 -2.40 -27.24 17.99
CA VAL A 363 -2.02 -25.87 17.69
C VAL A 363 -1.84 -25.77 16.19
N GLU A 364 -2.57 -24.87 15.56
CA GLU A 364 -2.44 -24.66 14.12
C GLU A 364 -1.27 -23.74 13.85
N LEU A 365 -0.25 -24.25 13.16
CA LEU A 365 1.01 -23.53 12.97
C LEU A 365 1.19 -22.98 11.57
N HIS A 366 0.21 -23.14 10.68
CA HIS A 366 0.29 -22.64 9.31
C HIS A 366 -1.05 -21.98 9.00
N VAL A 367 -1.14 -20.67 9.21
CA VAL A 367 -2.37 -19.93 9.03
C VAL A 367 -2.11 -18.77 8.07
N HIS A 368 -2.95 -18.66 7.05
CA HIS A 368 -2.88 -17.58 6.08
C HIS A 368 -4.11 -16.70 6.23
N SER A 369 -3.89 -15.41 6.40
CA SER A 369 -4.98 -14.45 6.56
C SER A 369 -5.18 -13.68 5.26
N ASN A 370 -6.17 -12.79 5.26
CA ASN A 370 -6.43 -11.97 4.09
C ASN A 370 -5.29 -11.00 3.78
N MET A 371 -4.23 -11.00 4.59
CA MET A 371 -3.04 -10.21 4.30
C MET A 371 -2.05 -10.95 3.41
N SER A 372 -2.31 -12.21 3.10
CA SER A 372 -1.61 -12.90 2.03
C SER A 372 -2.25 -12.46 0.72
N THR A 373 -1.50 -11.70 -0.08
CA THR A 373 -2.07 -11.02 -1.23
C THR A 373 -2.83 -11.96 -2.16
N MET A 374 -4.15 -11.79 -2.22
CA MET A 374 -5.00 -12.52 -3.16
C MET A 374 -4.88 -14.02 -3.01
N ASP A 375 -4.58 -14.50 -1.80
CA ASP A 375 -4.46 -15.93 -1.56
C ASP A 375 -5.45 -16.42 -0.50
N ALA A 376 -5.56 -15.73 0.63
CA ALA A 376 -6.46 -16.11 1.70
C ALA A 376 -7.51 -15.03 1.89
N THR A 377 -8.64 -15.42 2.46
CA THR A 377 -9.83 -14.57 2.48
C THR A 377 -10.33 -14.21 3.87
N ASN A 378 -9.87 -14.88 4.92
CA ASN A 378 -10.37 -14.62 6.26
C ASN A 378 -9.41 -13.73 7.02
N SER A 379 -9.96 -12.79 7.78
CA SER A 379 -9.15 -11.95 8.64
C SER A 379 -8.55 -12.77 9.77
N ILE A 380 -7.33 -12.40 10.17
CA ILE A 380 -6.67 -13.11 11.26
C ILE A 380 -7.52 -13.03 12.52
N SER A 381 -8.31 -11.98 12.66
CA SER A 381 -9.15 -11.83 13.85
C SER A 381 -10.13 -12.98 13.98
N ASP A 382 -10.83 -13.33 12.90
CA ASP A 382 -11.83 -14.38 13.01
C ASP A 382 -11.18 -15.76 13.11
N LEU A 383 -10.02 -15.96 12.49
CA LEU A 383 -9.29 -17.22 12.69
C LEU A 383 -8.86 -17.38 14.15
N VAL A 384 -8.36 -16.30 14.74
CA VAL A 384 -7.94 -16.36 16.15
C VAL A 384 -9.15 -16.56 17.06
N ALA A 385 -10.28 -15.94 16.71
CA ALA A 385 -11.49 -16.15 17.48
C ALA A 385 -11.97 -17.59 17.39
N GLN A 386 -11.81 -18.20 16.21
CA GLN A 386 -12.24 -19.61 16.02
C GLN A 386 -11.35 -20.48 16.89
N ALA A 387 -10.05 -20.23 16.82
CA ALA A 387 -9.13 -21.00 17.64
C ALA A 387 -9.46 -20.86 19.11
N GLY A 388 -9.80 -19.65 19.55
CA GLY A 388 -10.15 -19.44 20.94
C GLY A 388 -11.40 -20.20 21.34
N LYS A 389 -12.32 -20.41 20.41
CA LYS A 389 -13.50 -21.23 20.77
C LYS A 389 -13.13 -22.73 20.80
N TRP A 390 -12.07 -23.14 20.10
CA TRP A 390 -11.76 -24.60 20.02
C TRP A 390 -10.78 -25.03 21.11
N GLY A 391 -10.31 -24.10 21.95
CA GLY A 391 -9.46 -24.49 23.09
C GLY A 391 -8.00 -24.68 22.76
N HIS A 392 -7.61 -24.46 21.51
CA HIS A 392 -6.16 -24.53 21.15
C HIS A 392 -5.42 -23.52 22.05
N ARG A 393 -4.28 -23.91 22.61
CA ARG A 393 -3.57 -23.02 23.56
C ARG A 393 -2.72 -22.01 22.79
N ALA A 394 -2.52 -22.25 21.49
CA ALA A 394 -1.76 -21.28 20.66
C ALA A 394 -2.16 -21.42 19.20
N ILE A 395 -1.82 -20.43 18.39
CA ILE A 395 -2.07 -20.49 16.93
C ILE A 395 -0.92 -19.72 16.31
N ALA A 396 -0.62 -19.97 15.04
CA ALA A 396 0.51 -19.28 14.40
C ALA A 396 0.02 -18.54 13.18
N ILE A 397 0.40 -17.28 13.02
CA ILE A 397 0.04 -16.53 11.78
C ILE A 397 1.26 -16.61 10.87
N THR A 398 1.09 -17.10 9.65
CA THR A 398 2.25 -17.25 8.72
C THR A 398 1.83 -16.78 7.33
N ASP A 399 1.87 -15.48 7.08
CA ASP A 399 1.39 -15.06 5.77
C ASP A 399 2.51 -15.17 4.74
N HIS A 400 2.13 -15.06 3.48
CA HIS A 400 3.06 -15.25 2.36
C HIS A 400 3.95 -14.02 2.24
N GLY A 401 5.09 -14.05 2.92
CA GLY A 401 6.13 -13.06 2.75
C GLY A 401 5.96 -11.76 3.52
N GLY A 402 4.93 -11.65 4.37
CA GLY A 402 4.70 -10.42 5.10
C GLY A 402 4.24 -10.71 6.51
N ALA A 403 4.25 -9.66 7.32
CA ALA A 403 3.78 -9.72 8.70
C ALA A 403 2.68 -8.69 8.96
N GLN A 404 1.98 -8.28 7.91
CA GLN A 404 1.04 -7.17 8.01
C GLN A 404 -0.17 -7.48 8.86
N ALA A 405 -0.40 -8.74 9.21
CA ALA A 405 -1.49 -9.12 10.10
C ALA A 405 -1.05 -9.21 11.56
N PHE A 406 0.17 -8.82 11.87
CA PHE A 406 0.68 -8.97 13.24
C PHE A 406 -0.08 -8.12 14.25
N PRO A 407 -0.34 -6.83 14.01
CA PRO A 407 -1.08 -6.05 15.02
C PRO A 407 -2.50 -6.54 15.25
N GLU A 408 -3.23 -6.83 14.17
CA GLU A 408 -4.57 -7.37 14.31
C GLU A 408 -4.54 -8.72 15.00
N ALA A 409 -3.53 -9.54 14.70
CA ALA A 409 -3.39 -10.83 15.37
C ALA A 409 -3.13 -10.64 16.86
N HIS A 410 -2.33 -9.65 17.22
CA HIS A 410 -2.08 -9.37 18.63
C HIS A 410 -3.37 -9.00 19.34
N SER A 411 -4.14 -8.09 18.75
CA SER A 411 -5.40 -7.69 19.36
C SER A 411 -6.35 -8.87 19.50
N ALA A 412 -6.46 -9.68 18.45
CA ALA A 412 -7.37 -10.82 18.49
C ALA A 412 -6.93 -11.86 19.51
N GLY A 413 -5.63 -12.12 19.59
CA GLY A 413 -5.14 -13.07 20.57
C GLY A 413 -5.36 -12.58 21.99
N LYS A 414 -5.31 -11.28 22.21
CA LYS A 414 -5.55 -10.75 23.58
C LYS A 414 -7.06 -10.80 23.89
N LYS A 415 -7.92 -10.61 22.89
CA LYS A 415 -9.35 -10.71 23.13
C LYS A 415 -9.77 -12.15 23.37
N ALA A 416 -9.23 -13.10 22.62
CA ALA A 416 -9.66 -14.48 22.68
C ALA A 416 -8.94 -15.31 23.71
N GLY A 417 -7.92 -14.76 24.37
CA GLY A 417 -7.13 -15.56 25.29
C GLY A 417 -6.36 -16.68 24.61
N VAL A 418 -5.82 -16.41 23.42
CA VAL A 418 -5.12 -17.40 22.61
C VAL A 418 -3.72 -16.88 22.33
N LYS A 419 -2.71 -17.71 22.57
CA LYS A 419 -1.30 -17.30 22.35
C LYS A 419 -1.03 -17.24 20.86
N ILE A 420 -0.40 -16.19 20.42
CA ILE A 420 -0.10 -15.95 19.02
C ILE A 420 1.39 -16.20 18.78
N LEU A 421 1.69 -17.04 17.80
CA LEU A 421 3.05 -17.25 17.34
C LEU A 421 3.23 -16.51 16.03
N TYR A 422 4.20 -15.63 15.97
CA TYR A 422 4.34 -14.70 14.85
C TYR A 422 5.34 -15.27 13.85
N GLY A 423 4.85 -15.62 12.67
CA GLY A 423 5.69 -16.22 11.66
C GLY A 423 5.35 -15.69 10.27
N VAL A 424 6.08 -16.20 9.30
CA VAL A 424 5.92 -15.83 7.91
C VAL A 424 6.17 -17.06 7.06
N GLU A 425 5.50 -17.12 5.92
CA GLU A 425 5.78 -18.11 4.88
C GLU A 425 6.68 -17.40 3.86
N ALA A 426 7.97 -17.56 4.05
CA ALA A 426 8.97 -16.89 3.21
C ALA A 426 9.29 -17.74 1.99
N ASN A 427 9.66 -17.06 0.91
CA ASN A 427 10.22 -17.69 -0.27
C ASN A 427 11.74 -17.60 -0.13
N VAL A 428 12.36 -18.72 0.17
CA VAL A 428 13.81 -18.78 0.37
C VAL A 428 14.45 -19.29 -0.90
N VAL A 429 15.57 -18.68 -1.27
CA VAL A 429 16.34 -19.06 -2.44
C VAL A 429 17.68 -19.58 -1.95
N ASP A 430 18.09 -20.74 -2.46
CA ASP A 430 19.38 -21.30 -2.11
C ASP A 430 20.50 -20.35 -2.55
N ASP A 431 21.20 -19.75 -1.59
CA ASP A 431 22.21 -18.75 -1.91
C ASP A 431 23.25 -19.30 -2.86
N GLY A 432 23.82 -20.47 -2.54
CA GLY A 432 24.81 -21.07 -3.41
C GLY A 432 24.39 -22.40 -3.99
N VAL A 433 24.10 -22.41 -5.28
CA VAL A 433 23.82 -23.64 -6.03
C VAL A 433 25.01 -23.90 -6.95
N PRO A 434 25.76 -24.97 -6.75
CA PRO A 434 26.99 -25.15 -7.52
C PRO A 434 26.72 -25.41 -8.99
N ILE A 435 27.69 -24.99 -9.82
CA ILE A 435 27.66 -25.35 -11.23
C ILE A 435 28.30 -26.72 -11.44
N ALA A 436 29.44 -26.97 -10.80
CA ALA A 436 30.13 -28.24 -10.86
C ALA A 436 29.84 -29.04 -9.60
N TYR A 437 29.58 -30.34 -9.77
CA TYR A 437 29.14 -31.19 -8.67
C TYR A 437 30.28 -32.00 -8.06
N ASN A 438 30.98 -32.78 -8.86
CA ASN A 438 32.12 -33.57 -8.40
C ASN A 438 33.38 -32.76 -8.71
N ASP A 439 33.75 -31.91 -7.77
CA ASP A 439 34.88 -31.00 -8.00
C ASP A 439 36.14 -31.79 -8.35
N ALA A 440 36.79 -31.36 -9.44
CA ALA A 440 38.02 -32.04 -9.91
C ALA A 440 38.87 -31.01 -10.65
N HIS A 441 40.17 -31.26 -10.80
CA HIS A 441 41.07 -30.24 -11.42
C HIS A 441 41.34 -30.58 -12.89
N GLU A 442 40.32 -31.05 -13.60
CA GLU A 442 40.48 -31.31 -15.05
C GLU A 442 40.53 -29.98 -15.80
N ALA A 443 41.01 -29.99 -17.03
CA ALA A 443 41.02 -28.75 -17.84
C ALA A 443 39.81 -28.76 -18.75
N LEU A 444 38.97 -27.74 -18.63
CA LEU A 444 37.70 -27.77 -19.39
C LEU A 444 37.97 -27.76 -20.89
N SER A 445 38.96 -27.00 -21.34
CA SER A 445 39.19 -26.86 -22.81
C SER A 445 39.59 -28.21 -23.39
N GLU A 446 40.32 -29.05 -22.66
CA GLU A 446 40.80 -30.30 -23.30
C GLU A 446 40.04 -31.53 -22.83
N ALA A 447 39.12 -31.37 -21.89
CA ALA A 447 38.46 -32.56 -21.32
C ALA A 447 37.44 -33.17 -22.28
N THR A 448 37.03 -34.41 -22.00
CA THR A 448 36.00 -35.07 -22.84
C THR A 448 34.66 -34.97 -22.13
N TYR A 449 33.63 -34.54 -22.83
CA TYR A 449 32.31 -34.32 -22.19
C TYR A 449 31.30 -35.33 -22.72
N VAL A 450 30.59 -36.00 -21.83
CA VAL A 450 29.50 -36.93 -22.27
C VAL A 450 28.18 -36.21 -22.02
N VAL A 451 27.86 -35.22 -22.84
CA VAL A 451 26.63 -34.47 -22.61
C VAL A 451 25.46 -35.43 -22.79
N PHE A 452 24.76 -35.73 -21.70
CA PHE A 452 23.74 -36.76 -21.71
C PHE A 452 22.38 -36.17 -21.36
N ALA A 453 21.31 -37.08 -21.66
CA ALA A 453 19.94 -36.69 -21.39
C ALA A 453 19.09 -37.95 -21.22
N VAL A 454 17.87 -37.85 -20.68
CA VAL A 454 17.03 -39.04 -20.38
C VAL A 454 15.56 -38.74 -20.67
N ALA A 455 14.77 -39.57 -21.38
CA ALA A 455 13.31 -39.42 -21.54
C ALA A 455 12.71 -40.15 -20.35
N THR A 456 11.66 -39.61 -19.73
CA THR A 456 11.20 -40.28 -18.49
C THR A 456 9.70 -40.53 -18.47
N THR A 457 9.23 -41.29 -17.48
CA THR A 457 7.78 -41.51 -17.31
C THR A 457 7.24 -40.42 -16.39
N GLY A 458 8.17 -39.58 -15.90
CA GLY A 458 7.72 -38.45 -15.06
C GLY A 458 8.88 -37.65 -14.49
N LEU A 459 8.63 -36.87 -13.43
CA LEU A 459 9.68 -36.08 -12.81
C LEU A 459 10.21 -36.67 -11.51
N SER A 460 9.59 -37.59 -10.83
CA SER A 460 9.98 -38.14 -9.53
C SER A 460 10.94 -39.30 -9.75
N ALA A 461 12.23 -39.04 -9.54
CA ALA A 461 13.21 -40.12 -9.65
C ALA A 461 12.89 -41.28 -8.72
N VAL A 462 12.20 -40.99 -7.61
CA VAL A 462 11.82 -42.04 -6.68
C VAL A 462 10.72 -42.91 -7.27
N TYR A 463 9.68 -42.31 -7.86
CA TYR A 463 8.53 -43.16 -8.27
C TYR A 463 8.36 -43.26 -9.79
N ASP A 464 9.28 -42.73 -10.59
CA ASP A 464 9.17 -42.93 -12.07
C ASP A 464 10.55 -43.31 -12.61
N THR A 465 10.62 -43.88 -13.82
CA THR A 465 11.92 -44.41 -14.30
C THR A 465 12.28 -43.91 -15.70
N ILE A 466 13.55 -44.03 -16.09
CA ILE A 466 14.02 -43.60 -17.43
C ILE A 466 13.40 -44.48 -18.53
N ILE A 467 12.80 -43.85 -19.56
CA ILE A 467 12.25 -44.62 -20.70
C ILE A 467 13.21 -44.46 -21.87
N GLU A 468 14.28 -43.68 -21.68
CA GLU A 468 15.29 -43.52 -22.75
C GLU A 468 16.56 -42.91 -22.15
N LEU A 469 17.70 -43.12 -22.81
CA LEU A 469 18.99 -42.63 -22.34
C LEU A 469 19.80 -42.20 -23.57
N ALA A 470 20.09 -40.91 -23.68
CA ALA A 470 20.88 -40.40 -24.79
C ALA A 470 22.12 -39.72 -24.26
N ALA A 471 23.16 -39.67 -25.08
CA ALA A 471 24.38 -39.00 -24.70
C ALA A 471 25.25 -38.82 -25.93
N VAL A 472 26.04 -37.75 -25.94
CA VAL A 472 27.00 -37.48 -27.00
C VAL A 472 28.34 -37.18 -26.35
N LYS A 473 29.34 -37.97 -26.72
CA LYS A 473 30.71 -37.73 -26.24
C LYS A 473 31.28 -36.67 -27.17
N MET A 474 31.67 -35.53 -26.61
CA MET A 474 32.15 -34.42 -27.44
C MET A 474 33.57 -34.08 -27.05
N TYR A 475 34.38 -33.70 -28.02
CA TYR A 475 35.76 -33.25 -27.69
C TYR A 475 36.04 -31.93 -28.39
N LYS A 476 36.78 -31.05 -27.74
CA LYS A 476 37.15 -29.76 -28.32
C LYS A 476 35.96 -29.08 -29.00
N GLY A 477 34.75 -29.38 -28.55
CA GLY A 477 33.55 -28.81 -29.14
C GLY A 477 32.99 -29.61 -30.30
N ASN A 478 33.68 -30.66 -30.73
CA ASN A 478 33.21 -31.52 -31.81
C ASN A 478 32.79 -32.88 -31.24
N VAL A 479 31.80 -33.49 -31.88
CA VAL A 479 31.30 -34.77 -31.42
C VAL A 479 32.31 -35.87 -31.72
N ILE A 480 32.48 -36.77 -30.75
CA ILE A 480 33.38 -37.91 -30.91
C ILE A 480 32.62 -39.23 -30.99
N GLU A 481 31.51 -39.36 -30.28
CA GLU A 481 30.75 -40.61 -30.22
C GLU A 481 29.33 -40.29 -29.78
N SER A 482 28.44 -41.26 -29.95
CA SER A 482 27.05 -41.09 -29.55
C SER A 482 26.51 -42.38 -28.99
N PHE A 483 25.77 -42.28 -27.88
CA PHE A 483 25.19 -43.43 -27.19
C PHE A 483 23.72 -43.15 -26.97
N ASP A 484 22.86 -43.80 -27.73
CA ASP A 484 21.42 -43.63 -27.61
C ASP A 484 20.78 -44.99 -27.40
N GLU A 485 19.90 -45.09 -26.41
CA GLU A 485 19.24 -46.35 -26.08
C GLU A 485 17.85 -46.08 -25.57
N PHE A 486 16.98 -47.07 -25.76
CA PHE A 486 15.61 -47.03 -25.26
C PHE A 486 15.50 -48.01 -24.09
N ILE A 487 14.86 -47.58 -23.01
CA ILE A 487 14.55 -48.43 -21.88
C ILE A 487 13.02 -48.56 -21.80
N ASP A 488 12.56 -49.79 -21.59
CA ASP A 488 11.12 -50.05 -21.60
C ASP A 488 10.59 -50.16 -20.19
N PRO A 489 9.76 -49.25 -19.72
CA PRO A 489 9.03 -49.50 -18.48
C PRO A 489 7.96 -50.55 -18.70
N GLY A 490 7.73 -51.35 -17.66
CA GLY A 490 6.71 -52.39 -17.76
C GLY A 490 5.35 -51.84 -18.12
N HIS A 491 4.98 -50.70 -17.52
CA HIS A 491 3.69 -50.09 -17.77
C HIS A 491 3.68 -49.40 -19.13
N PRO A 492 2.53 -49.37 -19.80
CA PRO A 492 2.43 -48.61 -21.06
C PRO A 492 2.61 -47.13 -20.80
N LEU A 493 3.25 -46.45 -21.75
CA LEU A 493 3.52 -45.03 -21.58
C LEU A 493 2.22 -44.24 -21.55
N SER A 494 2.08 -43.40 -20.53
CA SER A 494 0.90 -42.55 -20.42
C SER A 494 0.88 -41.53 -21.56
N ARG A 495 -0.33 -41.15 -21.97
CA ARG A 495 -0.48 -40.22 -23.08
C ARG A 495 0.30 -38.94 -22.81
N THR A 496 0.48 -38.60 -21.54
CA THR A 496 1.27 -37.39 -21.21
C THR A 496 2.70 -37.59 -21.73
N THR A 497 3.29 -38.74 -21.42
CA THR A 497 4.69 -38.99 -21.84
C THR A 497 4.74 -39.10 -23.35
N VAL A 498 3.82 -39.88 -23.92
CA VAL A 498 3.80 -40.10 -25.39
C VAL A 498 3.82 -38.74 -26.08
N ASP A 499 3.32 -37.71 -25.41
CA ASP A 499 3.23 -36.39 -26.08
C ASP A 499 4.42 -35.53 -25.65
N LEU A 500 4.62 -35.38 -24.34
CA LEU A 500 5.78 -34.61 -23.85
C LEU A 500 7.00 -35.16 -24.57
N THR A 501 7.16 -36.48 -24.53
CA THR A 501 8.32 -37.12 -25.17
C THR A 501 7.84 -37.87 -26.39
N GLY A 502 8.55 -37.78 -27.50
CA GLY A 502 8.02 -38.42 -28.71
C GLY A 502 8.32 -39.90 -28.65
N ILE A 503 7.81 -40.57 -27.63
CA ILE A 503 8.12 -42.02 -27.45
C ILE A 503 6.82 -42.76 -27.18
N THR A 504 6.53 -43.76 -28.00
CA THR A 504 5.34 -44.59 -27.83
C THR A 504 5.74 -45.95 -27.27
N ASP A 505 4.73 -46.72 -26.85
CA ASP A 505 5.01 -48.03 -26.28
C ASP A 505 5.70 -48.93 -27.30
N GLY A 506 5.27 -48.86 -28.55
CA GLY A 506 5.99 -49.64 -29.57
C GLY A 506 7.40 -49.09 -29.72
N MET A 507 7.53 -47.77 -29.75
CA MET A 507 8.84 -47.18 -30.01
C MET A 507 9.90 -47.80 -29.10
N VAL A 508 9.47 -48.25 -27.91
CA VAL A 508 10.43 -48.88 -26.96
C VAL A 508 9.89 -50.26 -26.59
N ARG A 509 9.06 -50.84 -27.44
CA ARG A 509 8.43 -52.14 -27.09
C ARG A 509 9.54 -53.18 -26.90
N GLY A 510 10.56 -53.17 -27.75
CA GLY A 510 11.66 -54.13 -27.62
C GLY A 510 12.98 -53.43 -27.37
N SER A 511 13.48 -53.48 -26.13
CA SER A 511 14.74 -52.76 -25.78
C SER A 511 15.52 -53.51 -24.71
N LYS A 512 16.82 -53.24 -24.62
CA LYS A 512 17.68 -53.97 -23.66
C LYS A 512 17.25 -53.65 -22.23
N SER A 513 17.55 -54.54 -21.29
CA SER A 513 17.20 -54.30 -19.86
C SER A 513 18.03 -53.14 -19.34
N GLU A 514 17.53 -52.44 -18.31
CA GLU A 514 18.27 -51.24 -17.86
C GLU A 514 19.65 -51.69 -17.40
N GLU A 515 19.62 -52.76 -16.56
CA GLU A 515 20.94 -53.13 -16.00
C GLU A 515 21.94 -53.06 -17.15
N GLU A 516 21.51 -53.44 -18.34
CA GLU A 516 22.44 -53.48 -19.46
C GLU A 516 22.68 -52.08 -20.05
N VAL A 517 21.62 -51.30 -20.22
CA VAL A 517 21.78 -49.95 -20.74
C VAL A 517 22.58 -49.10 -19.77
N LEU A 518 22.43 -49.25 -18.48
CA LEU A 518 23.19 -48.50 -17.48
C LEU A 518 24.67 -48.86 -17.53
N ARG A 519 24.96 -50.14 -17.70
CA ARG A 519 26.38 -50.61 -17.81
C ARG A 519 27.00 -50.07 -19.10
N MET A 520 26.23 -49.97 -20.19
CA MET A 520 26.73 -49.40 -21.42
C MET A 520 27.04 -47.91 -21.26
N PHE A 521 26.17 -47.17 -20.57
CA PHE A 521 26.45 -45.75 -20.37
C PHE A 521 27.58 -45.54 -19.37
N LEU A 522 27.71 -46.42 -18.38
CA LEU A 522 28.82 -46.32 -17.44
C LEU A 522 30.15 -46.50 -18.14
N GLU A 523 30.23 -47.48 -19.05
CA GLU A 523 31.46 -47.64 -19.82
C GLU A 523 31.64 -46.49 -20.80
N PHE A 524 30.56 -46.07 -21.47
CA PHE A 524 30.64 -44.94 -22.38
C PHE A 524 31.03 -43.67 -21.64
N SER A 525 30.45 -43.44 -20.47
CA SER A 525 30.76 -42.27 -19.65
C SER A 525 31.86 -42.63 -18.65
N LYS A 526 33.07 -42.81 -19.19
CA LYS A 526 34.24 -43.13 -18.41
C LYS A 526 35.31 -42.08 -18.68
N ASP A 527 36.03 -41.70 -17.62
CA ASP A 527 37.04 -40.65 -17.68
C ASP A 527 36.55 -39.45 -18.47
N THR A 528 35.29 -39.07 -18.21
CA THR A 528 34.67 -37.92 -18.91
C THR A 528 34.01 -36.97 -17.92
N ILE A 529 33.61 -35.78 -18.37
CA ILE A 529 32.88 -34.81 -17.50
C ILE A 529 31.41 -34.81 -17.90
N LEU A 530 30.55 -35.42 -17.11
CA LEU A 530 29.13 -35.52 -17.41
C LEU A 530 28.54 -34.12 -17.53
N VAL A 531 27.59 -33.96 -18.45
CA VAL A 531 27.00 -32.66 -18.73
C VAL A 531 25.50 -32.83 -18.90
N ALA A 532 24.73 -31.91 -18.31
CA ALA A 532 23.29 -31.99 -18.45
C ALA A 532 22.67 -30.62 -18.21
N HIS A 533 21.50 -30.41 -18.81
CA HIS A 533 20.68 -29.25 -18.52
C HIS A 533 19.75 -29.59 -17.37
N ASN A 534 19.82 -28.80 -16.30
CA ASN A 534 19.26 -29.22 -15.01
C ASN A 534 19.93 -30.51 -14.56
N ALA A 535 21.26 -30.45 -14.48
CA ALA A 535 22.05 -31.64 -14.23
C ALA A 535 21.68 -32.31 -12.91
N ALA A 536 21.07 -31.59 -11.98
CA ALA A 536 20.57 -32.25 -10.78
C ALA A 536 19.50 -33.27 -11.12
N PHE A 537 18.57 -32.90 -11.99
CA PHE A 537 17.47 -33.80 -12.36
C PHE A 537 18.00 -35.06 -13.05
N ASP A 538 18.80 -34.87 -14.10
CA ASP A 538 19.32 -36.01 -14.85
C ASP A 538 20.27 -36.85 -14.01
N MET A 539 21.15 -36.29 -13.10
CA MET A 539 22.08 -37.02 -12.26
C MET A 539 21.34 -37.82 -11.21
N GLY A 540 20.28 -37.26 -10.63
CA GLY A 540 19.49 -38.02 -9.67
C GLY A 540 18.84 -39.23 -10.30
N PHE A 541 18.26 -39.06 -11.48
CA PHE A 541 17.67 -40.21 -12.16
C PHE A 541 18.70 -41.27 -12.45
N LEU A 542 19.86 -40.86 -12.99
CA LEU A 542 20.91 -41.81 -13.33
C LEU A 542 21.42 -42.54 -12.09
N ASN A 543 21.62 -41.81 -11.00
CA ASN A 543 22.16 -42.41 -9.79
C ASN A 543 21.16 -43.34 -9.12
N THR A 544 19.85 -42.89 -9.25
CA THR A 544 18.84 -43.80 -8.73
C THR A 544 18.78 -45.08 -9.55
N SER A 545 18.84 -44.94 -10.89
CA SER A 545 18.87 -46.14 -11.73
C SER A 545 20.10 -46.99 -11.45
N TYR A 546 21.26 -46.34 -11.29
CA TYR A 546 22.48 -47.07 -10.92
C TYR A 546 22.27 -47.85 -9.64
N ALA A 547 21.82 -47.17 -8.58
CA ALA A 547 21.63 -47.82 -7.30
C ALA A 547 20.57 -48.92 -7.35
N ARG A 548 19.65 -48.84 -8.31
CA ARG A 548 18.66 -49.90 -8.45
C ARG A 548 19.30 -51.25 -8.77
N TYR A 549 20.51 -51.25 -9.34
CA TYR A 549 21.23 -52.48 -9.65
C TYR A 549 22.60 -52.53 -8.97
N GLY A 550 22.76 -51.85 -7.84
CA GLY A 550 24.00 -51.94 -7.08
C GLY A 550 25.21 -51.49 -7.86
N ILE A 551 24.99 -50.72 -8.92
CA ILE A 551 26.06 -50.19 -9.75
C ILE A 551 26.72 -49.04 -9.02
N PRO A 552 28.01 -48.77 -9.24
CA PRO A 552 28.64 -47.64 -8.54
C PRO A 552 27.95 -46.33 -8.92
N GLU A 553 27.98 -45.39 -7.98
CA GLU A 553 27.31 -44.11 -8.21
C GLU A 553 27.87 -43.36 -9.40
N ALA A 554 29.10 -43.69 -9.82
CA ALA A 554 29.74 -43.03 -10.96
C ALA A 554 29.83 -41.52 -10.72
N ALA A 555 30.65 -41.16 -9.74
CA ALA A 555 30.81 -39.76 -9.33
C ALA A 555 31.99 -39.11 -10.04
N ASN A 556 31.88 -39.06 -11.35
CA ASN A 556 32.82 -38.23 -12.11
C ASN A 556 32.34 -36.78 -12.12
N PRO A 557 33.20 -35.85 -12.49
CA PRO A 557 32.80 -34.44 -12.48
C PRO A 557 31.58 -34.22 -13.35
N VAL A 558 30.68 -33.34 -12.89
CA VAL A 558 29.44 -33.05 -13.58
C VAL A 558 29.33 -31.56 -13.82
N ILE A 559 28.54 -31.20 -14.82
CA ILE A 559 28.21 -29.82 -15.13
C ILE A 559 26.71 -29.71 -15.37
N ASP A 560 26.10 -28.71 -14.75
CA ASP A 560 24.68 -28.41 -14.94
C ASP A 560 24.59 -27.18 -15.82
N THR A 561 24.22 -27.38 -17.09
CA THR A 561 24.22 -26.28 -18.04
C THR A 561 23.24 -25.19 -17.64
N LEU A 562 22.19 -25.54 -16.89
CA LEU A 562 21.26 -24.52 -16.42
C LEU A 562 21.97 -23.51 -15.53
N GLU A 563 22.70 -23.99 -14.52
CA GLU A 563 23.42 -23.08 -13.62
C GLU A 563 24.50 -22.31 -14.36
N LEU A 564 25.21 -22.95 -15.29
CA LEU A 564 26.26 -22.24 -16.02
C LEU A 564 25.66 -21.13 -16.87
N ALA A 565 24.52 -21.38 -17.52
CA ALA A 565 23.85 -20.34 -18.28
C ALA A 565 23.38 -19.22 -17.37
N ARG A 566 22.84 -19.56 -16.20
CA ARG A 566 22.40 -18.53 -15.26
C ARG A 566 23.56 -17.66 -14.82
N TYR A 567 24.71 -18.26 -14.54
CA TYR A 567 25.86 -17.49 -14.08
C TYR A 567 26.48 -16.66 -15.20
N LEU A 568 26.50 -17.20 -16.43
CA LEU A 568 27.19 -16.52 -17.51
C LEU A 568 26.33 -15.45 -18.18
N TYR A 569 25.02 -15.64 -18.21
CA TYR A 569 24.11 -14.71 -18.88
C TYR A 569 22.98 -14.35 -17.92
N PRO A 570 23.29 -13.62 -16.85
CA PRO A 570 22.23 -13.19 -15.93
C PRO A 570 21.17 -12.33 -16.60
N GLN A 571 21.57 -11.63 -17.67
CA GLN A 571 20.63 -10.75 -18.41
C GLN A 571 19.39 -11.55 -18.80
N PHE A 572 19.51 -12.80 -19.24
CA PHE A 572 18.28 -13.51 -19.69
C PHE A 572 17.33 -13.67 -18.52
N LYS A 573 16.00 -13.78 -18.73
CA LYS A 573 15.01 -14.02 -17.64
C LYS A 573 14.36 -15.39 -17.84
N ARG A 574 14.62 -16.05 -18.97
CA ARG A 574 14.11 -17.42 -19.22
C ARG A 574 15.29 -18.31 -19.58
N PHE A 575 15.46 -19.45 -18.92
CA PHE A 575 16.68 -20.28 -19.13
C PHE A 575 16.34 -21.73 -19.50
N GLY A 576 15.10 -22.00 -19.91
CA GLY A 576 14.70 -23.35 -20.35
C GLY A 576 15.45 -23.76 -21.61
N LEU A 577 15.77 -25.04 -21.76
CA LEU A 577 16.59 -25.49 -22.91
C LEU A 577 16.10 -24.82 -24.19
N GLY A 578 14.85 -25.08 -24.57
CA GLY A 578 14.34 -24.56 -25.84
C GLY A 578 14.67 -23.09 -25.96
N VAL A 579 14.37 -22.32 -24.92
CA VAL A 579 14.61 -20.87 -24.96
C VAL A 579 16.10 -20.66 -25.22
N LEU A 580 16.94 -21.34 -24.45
CA LEU A 580 18.40 -21.11 -24.58
C LEU A 580 18.83 -21.59 -25.97
N SER A 581 18.26 -22.70 -26.42
CA SER A 581 18.70 -23.24 -27.73
C SER A 581 18.35 -22.19 -28.78
N LYS A 582 17.14 -21.66 -28.69
CA LYS A 582 16.71 -20.64 -29.65
C LYS A 582 17.68 -19.46 -29.58
N LYS A 583 17.94 -18.95 -28.39
CA LYS A 583 18.80 -17.75 -28.26
C LYS A 583 20.14 -18.03 -28.92
N PHE A 584 20.69 -19.07 -28.61
CA PHE A 584 22.06 -19.34 -29.14
C PHE A 584 21.90 -20.07 -30.47
N GLY A 585 20.70 -20.01 -31.03
CA GLY A 585 20.48 -20.59 -32.36
C GLY A 585 20.81 -22.07 -32.42
N VAL A 586 20.21 -22.87 -31.55
CA VAL A 586 20.39 -24.35 -31.64
C VAL A 586 19.01 -24.90 -31.99
N SER A 587 18.94 -26.03 -32.68
CA SER A 587 17.62 -26.54 -33.15
C SER A 587 17.15 -27.72 -32.30
N LEU A 588 15.87 -27.75 -31.95
CA LEU A 588 15.32 -28.92 -31.20
C LEU A 588 13.84 -29.07 -31.53
N GLU A 589 13.36 -30.32 -31.61
CA GLU A 589 11.92 -30.59 -31.92
C GLU A 589 11.03 -29.95 -30.85
N HIS A 592 10.07 -33.57 -27.40
CA HIS A 592 11.39 -33.56 -26.72
C HIS A 592 11.90 -34.99 -26.60
N ARG A 593 12.75 -35.41 -27.53
CA ARG A 593 13.32 -36.78 -27.45
C ARG A 593 14.71 -36.66 -26.85
N ALA A 594 15.11 -37.65 -26.05
CA ALA A 594 16.42 -37.57 -25.37
C ALA A 594 17.51 -37.29 -26.38
N ILE A 595 17.53 -37.98 -27.51
CA ILE A 595 18.64 -37.79 -28.47
C ILE A 595 18.77 -36.31 -28.80
N TYR A 596 17.68 -35.70 -29.27
CA TYR A 596 17.67 -34.26 -29.60
C TYR A 596 18.12 -33.45 -28.39
N ASP A 597 17.43 -33.61 -27.27
CA ASP A 597 17.83 -32.90 -26.03
C ASP A 597 19.34 -33.01 -25.90
N ALA A 598 19.91 -34.21 -25.99
CA ALA A 598 21.35 -34.35 -25.75
C ALA A 598 22.16 -33.55 -26.75
N GLU A 599 21.87 -33.70 -28.04
CA GLU A 599 22.71 -33.01 -29.03
C GLU A 599 22.56 -31.52 -28.79
N ALA A 600 21.36 -31.06 -28.44
CA ALA A 600 21.11 -29.62 -28.23
C ALA A 600 21.96 -29.12 -27.06
N THR A 601 21.96 -29.85 -25.96
CA THR A 601 22.72 -29.40 -24.77
C THR A 601 24.18 -29.37 -25.18
N GLY A 602 24.62 -30.37 -25.94
CA GLY A 602 26.05 -30.42 -26.29
C GLY A 602 26.43 -29.23 -27.13
N HIS A 603 25.56 -28.86 -28.07
CA HIS A 603 25.87 -27.74 -28.97
C HIS A 603 25.93 -26.46 -28.16
N LEU A 604 25.23 -26.43 -27.03
CA LEU A 604 25.31 -25.24 -26.14
C LEU A 604 26.51 -25.38 -25.21
N ALA A 605 26.58 -26.49 -24.48
CA ALA A 605 27.60 -26.68 -23.47
C ALA A 605 28.97 -26.29 -23.98
N TRP A 606 29.25 -26.56 -25.25
CA TRP A 606 30.53 -26.10 -25.79
C TRP A 606 30.65 -24.59 -25.67
N ILE A 607 29.60 -23.87 -26.06
CA ILE A 607 29.62 -22.41 -26.00
C ILE A 607 29.74 -21.93 -24.56
N PHE A 608 29.00 -22.57 -23.65
CA PHE A 608 29.05 -22.17 -22.25
C PHE A 608 30.44 -22.36 -21.67
N VAL A 609 31.08 -23.50 -21.98
CA VAL A 609 32.41 -23.75 -21.44
C VAL A 609 33.43 -22.80 -22.05
N LYS A 610 33.30 -22.50 -23.34
CA LYS A 610 34.18 -21.52 -23.95
C LYS A 610 34.04 -20.16 -23.27
N GLU A 611 32.80 -19.75 -23.01
CA GLU A 611 32.57 -18.48 -22.32
C GLU A 611 33.14 -18.51 -20.91
N ALA A 612 32.99 -19.62 -20.20
CA ALA A 612 33.52 -19.72 -18.85
C ALA A 612 35.05 -19.63 -18.86
N MET A 613 35.69 -20.23 -19.85
CA MET A 613 37.14 -20.17 -19.93
C MET A 613 37.65 -18.80 -20.37
N ASP A 614 36.93 -18.12 -21.25
CA ASP A 614 37.43 -16.87 -21.81
C ASP A 614 36.99 -15.66 -21.00
N ASN A 615 35.69 -15.43 -20.86
CA ASN A 615 35.19 -14.25 -20.18
C ASN A 615 35.56 -14.23 -18.71
N HIS A 616 35.91 -15.37 -18.14
CA HIS A 616 36.28 -15.47 -16.74
C HIS A 616 37.55 -16.32 -16.61
N ASN A 617 37.95 -16.59 -15.37
CA ASN A 617 39.15 -17.37 -15.09
C ASN A 617 38.82 -18.83 -14.76
N MET A 618 37.77 -19.38 -15.35
CA MET A 618 37.32 -20.74 -15.05
C MET A 618 37.82 -21.67 -16.15
N LEU A 619 39.09 -22.07 -16.04
CA LEU A 619 39.68 -22.99 -16.99
C LEU A 619 39.61 -24.45 -16.55
N TYR A 620 39.32 -24.71 -15.28
CA TYR A 620 39.19 -26.05 -14.74
C TYR A 620 37.75 -26.32 -14.33
N HIS A 621 37.50 -27.54 -13.89
CA HIS A 621 36.19 -27.88 -13.35
C HIS A 621 35.96 -27.21 -12.00
N ASP A 622 36.95 -27.28 -11.11
CA ASP A 622 36.80 -26.70 -9.78
C ASP A 622 36.51 -25.20 -9.86
N GLN A 623 37.25 -24.49 -10.72
CA GLN A 623 37.05 -23.05 -10.84
C GLN A 623 35.65 -22.71 -11.29
N LEU A 624 34.91 -23.67 -11.85
CA LEU A 624 33.54 -23.41 -12.27
C LEU A 624 32.62 -23.10 -11.09
N ASN A 625 33.06 -23.38 -9.87
CA ASN A 625 32.23 -23.17 -8.69
C ASN A 625 32.69 -22.01 -7.82
N GLU A 626 33.78 -21.33 -8.20
CA GLU A 626 34.38 -20.34 -7.30
C GLU A 626 33.43 -19.18 -7.04
N HIS A 627 32.84 -18.62 -8.09
CA HIS A 627 31.93 -17.48 -7.96
C HIS A 627 30.50 -18.00 -8.10
N ILE A 628 29.92 -18.42 -6.97
CA ILE A 628 28.58 -18.99 -6.94
C ILE A 628 27.77 -18.27 -5.87
N GLY A 629 26.54 -17.90 -6.16
CA GLY A 629 25.71 -17.28 -5.11
C GLY A 629 26.17 -15.87 -4.83
N GLU A 630 26.84 -15.24 -5.78
CA GLU A 630 27.33 -13.86 -5.60
C GLU A 630 26.57 -12.95 -6.56
N GLY A 631 25.94 -11.90 -6.03
CA GLY A 631 25.28 -10.92 -6.92
C GLY A 631 23.79 -11.10 -7.00
N ASP A 632 23.25 -11.09 -8.21
CA ASP A 632 21.79 -11.18 -8.39
C ASP A 632 21.41 -12.65 -8.37
N SER A 633 22.29 -13.49 -7.83
CA SER A 633 22.02 -14.93 -7.90
C SER A 633 20.61 -15.15 -7.38
N TYR A 634 20.21 -14.39 -6.37
CA TYR A 634 18.86 -14.57 -5.78
C TYR A 634 17.82 -14.37 -6.85
N LYS A 635 18.12 -13.52 -7.83
CA LYS A 635 17.09 -13.16 -8.82
C LYS A 635 16.79 -14.30 -9.79
N ARG A 636 17.72 -15.21 -9.99
CA ARG A 636 17.50 -16.25 -11.03
C ARG A 636 17.14 -17.57 -10.35
N ALA A 637 17.36 -17.67 -9.05
CA ALA A 637 17.07 -18.90 -8.34
C ALA A 637 15.57 -19.14 -8.28
N ARG A 638 15.18 -20.38 -8.01
CA ARG A 638 13.74 -20.71 -7.88
C ARG A 638 13.45 -20.82 -6.40
N PRO A 639 12.60 -19.94 -5.84
CA PRO A 639 12.32 -19.94 -4.41
C PRO A 639 11.50 -21.15 -3.99
N PHE A 640 11.63 -21.51 -2.72
CA PHE A 640 10.81 -22.54 -2.11
C PHE A 640 10.28 -22.03 -0.78
N HIS A 641 9.16 -22.59 -0.35
CA HIS A 641 8.48 -22.10 0.83
C HIS A 641 9.16 -22.60 2.10
N VAL A 642 9.40 -21.69 3.04
CA VAL A 642 9.90 -22.02 4.36
C VAL A 642 9.01 -21.28 5.35
N THR A 643 8.84 -21.85 6.54
CA THR A 643 8.10 -21.19 7.59
C THR A 643 9.07 -20.69 8.64
N ILE A 644 8.95 -19.42 8.99
CA ILE A 644 9.82 -18.80 9.99
C ILE A 644 8.96 -18.29 11.12
N LEU A 645 9.23 -18.76 12.34
CA LEU A 645 8.49 -18.34 13.51
C LEU A 645 9.43 -17.65 14.48
N ALA A 646 9.04 -16.48 14.98
CA ALA A 646 9.89 -15.73 15.92
C ALA A 646 9.94 -16.48 17.24
N LYS A 647 11.13 -16.88 17.68
CA LYS A 647 11.29 -17.61 18.96
C LYS A 647 11.05 -16.67 20.15
N ASN A 648 11.53 -15.43 20.10
CA ASN A 648 11.40 -14.48 21.24
C ASN A 648 11.43 -13.04 20.71
N GLN A 649 11.23 -12.02 21.54
CA GLN A 649 11.15 -10.63 21.00
C GLN A 649 12.34 -10.32 20.08
N ALA A 650 13.54 -10.80 20.41
CA ALA A 650 14.70 -10.60 19.53
C ALA A 650 14.42 -11.31 18.23
N GLY A 651 13.79 -12.48 18.32
CA GLY A 651 13.42 -13.24 17.11
C GLY A 651 12.44 -12.45 16.27
N LEU A 652 11.46 -11.78 16.88
CA LEU A 652 10.53 -10.91 16.11
C LEU A 652 11.31 -9.77 15.45
N LYS A 653 12.26 -9.17 16.16
CA LYS A 653 13.02 -8.11 15.45
C LYS A 653 13.74 -8.72 14.25
N ASP A 654 14.30 -9.92 14.41
CA ASP A 654 15.07 -10.58 13.32
C ASP A 654 14.13 -10.91 12.16
N LEU A 655 12.91 -11.36 12.44
CA LEU A 655 11.92 -11.63 11.37
C LEU A 655 11.62 -10.32 10.63
N PHE A 656 11.46 -9.22 11.37
CA PHE A 656 11.20 -7.92 10.71
C PHE A 656 12.37 -7.58 9.80
N LYS A 657 13.61 -7.79 10.27
CA LYS A 657 14.80 -7.44 9.45
C LYS A 657 14.86 -8.33 8.20
N LEU A 658 14.47 -9.60 8.34
CA LEU A 658 14.48 -10.55 7.20
C LEU A 658 13.34 -10.17 6.25
N ILE A 659 12.18 -9.82 6.79
CA ILE A 659 11.11 -9.38 5.90
C ILE A 659 11.52 -8.10 5.17
N SER A 660 12.13 -7.16 5.90
CA SER A 660 12.55 -5.91 5.29
C SER A 660 13.60 -6.15 4.22
N MET A 661 14.54 -7.05 4.46
CA MET A 661 15.56 -7.31 3.45
C MET A 661 14.99 -8.05 2.25
N SER A 662 14.06 -8.98 2.49
CA SER A 662 13.42 -9.67 1.39
C SER A 662 12.58 -8.71 0.54
N ASN A 663 12.10 -7.62 1.15
CA ASN A 663 11.34 -6.62 0.40
C ASN A 663 12.21 -5.58 -0.26
N VAL A 664 13.37 -5.28 0.31
CA VAL A 664 14.17 -4.15 -0.11
C VAL A 664 15.43 -4.56 -0.86
N GLU A 665 16.04 -5.69 -0.52
CA GLU A 665 17.31 -6.11 -1.11
C GLU A 665 17.20 -7.33 -2.00
N TYR A 666 16.29 -8.25 -1.72
CA TYR A 666 16.23 -9.53 -2.42
C TYR A 666 14.83 -9.76 -2.99
N PHE A 667 14.25 -8.73 -3.61
CA PHE A 667 12.93 -8.84 -4.19
C PHE A 667 13.05 -9.11 -5.68
N GLU A 668 12.32 -10.12 -6.19
CA GLU A 668 12.29 -10.33 -7.66
C GLU A 668 10.82 -10.17 -8.09
N ARG A 669 10.02 -11.23 -8.07
CA ARG A 669 8.57 -11.08 -8.33
C ARG A 669 7.91 -11.41 -7.01
N VAL A 670 8.74 -11.54 -5.99
CA VAL A 670 8.27 -11.91 -4.66
C VAL A 670 9.35 -11.51 -3.67
N PRO A 671 9.04 -11.32 -2.39
CA PRO A 671 10.10 -11.13 -1.40
C PRO A 671 10.87 -12.42 -1.21
N ARG A 672 12.18 -12.38 -1.44
CA ARG A 672 13.03 -13.55 -1.35
C ARG A 672 14.02 -13.39 -0.21
N ILE A 673 14.26 -14.47 0.51
CA ILE A 673 15.29 -14.54 1.53
C ILE A 673 16.37 -15.51 1.03
N PRO A 674 17.60 -15.05 0.81
CA PRO A 674 18.69 -16.00 0.56
C PRO A 674 18.91 -16.85 1.79
N ARG A 675 19.20 -18.13 1.56
CA ARG A 675 19.32 -19.06 2.68
C ARG A 675 20.45 -18.67 3.62
N SER A 676 21.49 -18.02 3.11
CA SER A 676 22.57 -17.58 3.98
C SER A 676 22.10 -16.54 4.99
N GLN A 677 21.26 -15.60 4.55
CA GLN A 677 20.70 -14.61 5.47
C GLN A 677 19.84 -15.28 6.52
N LEU A 678 19.06 -16.29 6.17
CA LEU A 678 18.19 -16.97 7.15
C LEU A 678 19.04 -17.75 8.13
N LYS A 679 20.22 -18.21 7.71
CA LYS A 679 21.15 -18.95 8.60
C LYS A 679 21.77 -18.02 9.64
N LYS A 680 22.12 -16.81 9.25
CA LYS A 680 22.75 -15.85 10.18
C LYS A 680 21.77 -15.49 11.29
N MET A 681 20.51 -15.24 10.91
CA MET A 681 19.49 -14.80 11.89
C MET A 681 18.53 -15.95 12.21
N ARG A 682 18.99 -16.97 12.94
CA ARG A 682 18.12 -18.14 13.17
C ARG A 682 18.32 -18.64 14.61
N GLU A 683 19.03 -17.88 15.43
CA GLU A 683 19.22 -18.26 16.86
C GLU A 683 17.88 -18.07 17.58
N ASN A 684 17.04 -17.18 17.07
CA ASN A 684 15.76 -16.90 17.75
C ASN A 684 14.64 -17.13 16.74
N LEU A 685 14.92 -17.88 15.68
CA LEU A 685 13.87 -18.20 14.67
C LEU A 685 13.72 -19.72 14.55
N LEU A 686 12.50 -20.24 14.71
CA LEU A 686 12.27 -21.69 14.50
C LEU A 686 11.95 -21.88 13.01
N ILE A 687 12.90 -22.41 12.22
CA ILE A 687 12.71 -22.61 10.77
C ILE A 687 11.91 -23.91 10.55
N GLY A 688 11.04 -23.95 9.54
CA GLY A 688 10.17 -25.12 9.30
C GLY A 688 10.19 -25.56 7.85
N SER A 689 9.71 -26.79 7.57
CA SER A 689 9.75 -27.34 6.18
C SER A 689 8.59 -26.83 5.31
N ALA A 690 7.68 -26.02 5.86
CA ALA A 690 6.57 -25.42 5.07
C ALA A 690 5.65 -26.48 4.44
N CYS A 691 5.34 -26.36 3.14
CA CYS A 691 4.35 -27.27 2.50
C CYS A 691 4.96 -28.10 1.37
N ASP A 692 4.13 -28.54 0.40
CA ASP A 692 4.64 -29.43 -0.68
C ASP A 692 5.55 -28.63 -1.62
N LYS A 693 5.53 -27.31 -1.51
CA LYS A 693 6.44 -26.47 -2.33
C LYS A 693 7.74 -26.27 -1.54
N GLY A 694 7.83 -26.88 -0.36
CA GLY A 694 9.06 -26.80 0.46
C GLY A 694 10.18 -27.61 -0.17
N GLU A 695 11.40 -27.47 0.34
CA GLU A 695 12.54 -28.28 -0.16
C GLU A 695 12.38 -29.74 0.25
N ILE A 696 11.97 -30.00 1.49
CA ILE A 696 11.91 -31.43 1.94
C ILE A 696 10.81 -32.15 1.15
N PHE A 697 9.58 -31.62 1.10
CA PHE A 697 8.59 -32.39 0.36
C PHE A 697 9.00 -32.57 -1.11
N GLU A 698 9.56 -31.52 -1.71
CA GLU A 698 10.01 -31.62 -3.09
C GLU A 698 11.08 -32.69 -3.24
N ALA A 699 12.05 -32.70 -2.33
CA ALA A 699 13.09 -33.72 -2.37
C ALA A 699 12.52 -35.11 -2.13
N MET A 700 11.59 -35.26 -1.19
CA MET A 700 11.12 -36.62 -0.89
C MET A 700 10.27 -37.14 -2.05
N MET A 701 9.52 -36.26 -2.70
CA MET A 701 8.66 -36.72 -3.78
C MET A 701 9.36 -36.75 -5.13
N GLN A 702 10.55 -36.16 -5.26
CA GLN A 702 11.22 -36.11 -6.55
C GLN A 702 12.69 -36.49 -6.53
N LYS A 703 13.31 -36.65 -5.36
CA LYS A 703 14.75 -36.93 -5.31
C LYS A 703 15.14 -38.06 -4.39
N GLY A 704 14.32 -38.36 -3.38
CA GLY A 704 14.60 -39.53 -2.54
C GLY A 704 14.79 -39.23 -1.07
N VAL A 705 14.72 -40.26 -0.23
CA VAL A 705 14.83 -40.10 1.25
C VAL A 705 16.18 -39.52 1.64
N GLU A 706 17.25 -39.86 0.94
CA GLU A 706 18.57 -39.37 1.41
C GLU A 706 18.69 -37.87 1.17
N GLU A 707 18.20 -37.36 0.05
CA GLU A 707 18.21 -35.92 -0.21
C GLU A 707 17.26 -35.20 0.74
N ALA A 708 16.12 -35.80 1.04
CA ALA A 708 15.24 -35.15 2.01
C ALA A 708 15.86 -35.17 3.40
N ARG A 709 16.68 -36.18 3.72
CA ARG A 709 17.24 -36.32 5.10
C ARG A 709 18.35 -35.32 5.26
N ASN A 710 19.00 -34.97 4.15
CA ASN A 710 20.07 -33.98 4.16
C ASN A 710 19.50 -32.57 4.20
N ARG A 711 18.46 -32.31 3.42
CA ARG A 711 17.83 -30.99 3.46
C ARG A 711 17.15 -30.75 4.80
N ALA A 712 16.59 -31.79 5.38
CA ALA A 712 15.83 -31.62 6.63
C ALA A 712 16.80 -31.31 7.76
N LYS A 713 18.05 -31.61 7.55
CA LYS A 713 19.04 -31.23 8.55
C LYS A 713 18.97 -29.73 8.88
N PHE A 714 18.55 -28.87 7.95
CA PHE A 714 18.58 -27.40 8.16
C PHE A 714 17.35 -26.88 8.90
N TYR A 715 16.26 -27.62 8.90
CA TYR A 715 15.00 -27.15 9.49
C TYR A 715 14.98 -27.44 10.98
N ASP A 716 14.01 -26.92 11.71
CA ASP A 716 13.90 -27.09 13.18
C ASP A 716 12.72 -27.99 13.42
N TYR A 717 11.72 -27.96 12.55
CA TYR A 717 10.59 -28.88 12.61
C TYR A 717 10.14 -29.16 11.19
N ILE A 718 9.44 -30.29 11.03
CA ILE A 718 9.00 -30.77 9.72
C ILE A 718 7.49 -30.72 9.68
N GLU A 719 6.94 -30.15 8.62
CA GLU A 719 5.49 -29.97 8.47
C GLU A 719 4.92 -31.00 7.52
N VAL A 720 4.03 -31.84 8.05
CA VAL A 720 3.35 -32.86 7.20
C VAL A 720 1.86 -32.51 7.22
N MET A 721 1.26 -32.32 6.04
CA MET A 721 -0.14 -31.85 5.99
C MET A 721 -1.07 -33.03 5.68
N PRO A 722 -2.38 -32.94 5.96
CA PRO A 722 -3.32 -34.02 5.67
C PRO A 722 -3.27 -34.30 4.16
N LYS A 723 -3.62 -35.50 3.72
CA LYS A 723 -3.44 -35.88 2.28
C LYS A 723 -4.17 -34.91 1.34
N ALA A 724 -5.35 -34.42 1.75
CA ALA A 724 -6.16 -33.53 0.90
C ALA A 724 -5.32 -32.34 0.45
N VAL A 725 -4.57 -31.76 1.37
CA VAL A 725 -3.78 -30.56 1.02
C VAL A 725 -2.86 -30.99 -0.12
N TYR A 726 -2.39 -32.25 -0.09
CA TYR A 726 -1.44 -32.75 -1.11
C TYR A 726 -2.20 -33.39 -2.28
N ALA A 727 -3.63 -33.29 -2.17
CA ALA A 727 -4.43 -33.98 -3.21
C ALA A 727 -4.19 -33.38 -4.62
N PRO A 728 -4.04 -32.05 -4.80
CA PRO A 728 -3.85 -31.50 -6.12
C PRO A 728 -2.63 -32.10 -6.81
N LEU A 729 -1.63 -32.54 -6.03
CA LEU A 729 -0.41 -33.16 -6.60
C LEU A 729 -0.79 -34.44 -7.36
N ILE A 730 -1.67 -35.26 -6.79
CA ILE A 730 -2.10 -36.51 -7.46
C ILE A 730 -2.82 -36.17 -8.76
N GLU A 731 -3.72 -35.19 -8.72
CA GLU A 731 -4.43 -34.76 -9.96
C GLU A 731 -3.40 -34.21 -10.94
N GLN A 732 -2.36 -33.53 -10.46
CA GLN A 732 -1.29 -33.01 -11.36
C GLN A 732 -0.34 -34.14 -11.75
N GLU A 733 -0.48 -35.33 -11.17
CA GLU A 733 0.34 -36.52 -11.56
C GLU A 733 1.76 -36.44 -10.99
N LEU A 734 2.02 -35.56 -10.02
CA LEU A 734 3.35 -35.52 -9.36
C LEU A 734 3.46 -36.78 -8.52
N VAL A 735 2.39 -37.14 -7.80
CA VAL A 735 2.29 -38.38 -7.04
C VAL A 735 1.26 -39.25 -7.74
N LYS A 736 1.63 -40.50 -8.02
CA LYS A 736 0.80 -41.33 -8.89
C LYS A 736 -0.53 -41.67 -8.23
N ASN A 737 -0.50 -42.13 -6.98
CA ASN A 737 -1.72 -42.60 -6.33
C ASN A 737 -1.63 -42.33 -4.84
N GLU A 738 -2.69 -42.70 -4.12
CA GLU A 738 -2.74 -42.49 -2.68
C GLU A 738 -1.71 -43.33 -1.95
N HIS A 739 -1.34 -44.49 -2.51
CA HIS A 739 -0.33 -45.31 -1.88
C HIS A 739 1.03 -44.61 -1.85
N ASP A 740 1.41 -43.97 -2.96
CA ASP A 740 2.74 -43.31 -3.02
C ASP A 740 2.73 -42.03 -2.17
N LEU A 741 1.61 -41.31 -2.12
CA LEU A 741 1.52 -40.10 -1.27
C LEU A 741 1.64 -40.50 0.20
N GLU A 742 0.99 -41.61 0.59
CA GLU A 742 1.09 -42.10 1.98
C GLU A 742 2.55 -42.43 2.27
N GLU A 743 3.26 -42.95 1.27
CA GLU A 743 4.70 -43.25 1.43
C GLU A 743 5.47 -41.94 1.64
N ILE A 744 5.06 -40.85 0.97
CA ILE A 744 5.85 -39.63 1.13
C ILE A 744 5.66 -39.04 2.52
N ILE A 745 4.41 -38.98 2.98
CA ILE A 745 4.15 -38.41 4.31
C ILE A 745 4.81 -39.25 5.39
N GLN A 746 4.70 -40.58 5.29
CA GLN A 746 5.32 -41.44 6.30
C GLN A 746 6.84 -41.32 6.27
N ASN A 747 7.40 -41.17 5.09
CA ASN A 747 8.87 -41.10 5.09
C ASN A 747 9.25 -39.83 5.84
N LEU A 748 8.56 -38.72 5.61
CA LEU A 748 8.90 -37.42 6.23
C LEU A 748 8.77 -37.53 7.74
N VAL A 749 7.77 -38.25 8.22
CA VAL A 749 7.63 -38.46 9.68
C VAL A 749 8.85 -39.22 10.21
N GLU A 750 9.28 -40.26 9.51
CA GLU A 750 10.45 -41.07 9.93
C GLU A 750 11.73 -40.25 9.84
N ILE A 751 11.91 -39.50 8.76
CA ILE A 751 13.17 -38.73 8.59
C ILE A 751 13.28 -37.80 9.79
N GLY A 752 12.17 -37.22 10.21
CA GLY A 752 12.18 -36.27 11.34
C GLY A 752 12.53 -36.93 12.65
N LYS A 753 11.96 -38.11 12.91
CA LYS A 753 12.31 -38.84 14.14
C LYS A 753 13.79 -39.20 14.08
N SER A 754 14.26 -39.59 12.91
CA SER A 754 15.67 -40.00 12.77
C SER A 754 16.58 -38.84 13.12
N LEU A 755 16.28 -37.63 12.64
CA LEU A 755 17.19 -36.50 12.90
C LEU A 755 16.78 -35.80 14.19
N ASP A 756 15.79 -36.32 14.91
CA ASP A 756 15.45 -35.75 16.21
C ASP A 756 14.87 -34.34 16.04
N LYS A 757 13.95 -34.21 15.10
CA LYS A 757 13.27 -32.95 14.82
C LYS A 757 11.79 -33.09 15.11
N ILE A 758 11.16 -31.99 15.48
CA ILE A 758 9.73 -31.99 15.74
C ILE A 758 9.00 -32.11 14.42
N VAL A 759 8.13 -33.11 14.32
CA VAL A 759 7.26 -33.31 13.16
C VAL A 759 5.86 -32.91 13.56
N VAL A 760 5.26 -32.00 12.82
CA VAL A 760 3.95 -31.45 13.15
C VAL A 760 3.06 -31.50 11.93
N ALA A 761 1.77 -31.65 12.17
CA ALA A 761 0.74 -31.51 11.15
C ALA A 761 0.22 -30.08 11.21
N THR A 762 0.19 -29.40 10.07
CA THR A 762 -0.05 -27.96 10.07
C THR A 762 -1.39 -27.58 9.48
N GLY A 763 -1.69 -27.97 8.24
CA GLY A 763 -2.98 -27.71 7.63
C GLY A 763 -2.98 -26.63 6.56
N ASN A 764 -1.92 -25.83 6.47
CA ASN A 764 -1.80 -24.80 5.41
C ASN A 764 -3.14 -24.08 5.29
N VAL A 765 -3.78 -23.80 6.43
CA VAL A 765 -5.14 -23.18 6.41
C VAL A 765 -5.13 -21.95 5.51
N HIS A 766 -6.08 -21.85 4.59
CA HIS A 766 -6.22 -20.64 3.74
C HIS A 766 -7.62 -20.07 3.96
N TYR A 767 -8.49 -20.80 4.67
CA TYR A 767 -9.87 -20.34 5.00
C TYR A 767 -10.35 -21.04 6.28
N LEU A 768 -11.50 -20.64 6.83
CA LEU A 768 -11.94 -21.19 8.13
C LEU A 768 -12.72 -22.50 7.94
N ASN A 769 -13.95 -22.42 7.44
CA ASN A 769 -14.79 -23.64 7.21
C ASN A 769 -14.81 -23.93 5.71
N GLU A 770 -15.37 -25.10 5.35
CA GLU A 770 -15.31 -25.60 3.95
C GLU A 770 -16.27 -24.88 3.02
N GLU A 771 -17.37 -24.36 3.55
CA GLU A 771 -18.30 -23.58 2.71
C GLU A 771 -17.49 -22.44 2.12
N ASP A 772 -16.50 -21.95 2.86
CA ASP A 772 -15.69 -20.79 2.44
C ASP A 772 -14.80 -21.14 1.24
N ALA A 773 -14.51 -22.41 1.03
CA ALA A 773 -13.57 -22.76 -0.06
C ALA A 773 -13.95 -22.00 -1.32
N ILE A 774 -15.20 -22.14 -1.75
CA ILE A 774 -15.70 -21.42 -2.94
C ILE A 774 -15.32 -19.97 -2.72
N TYR A 775 -15.39 -19.51 -1.47
CA TYR A 775 -14.98 -18.07 -1.40
C TYR A 775 -13.59 -17.89 -2.04
N ARG A 776 -12.59 -18.68 -1.63
CA ARG A 776 -11.20 -18.57 -2.15
C ARG A 776 -11.12 -18.89 -3.64
N LYS A 777 -11.88 -19.88 -4.11
CA LYS A 777 -11.87 -20.28 -5.54
C LYS A 777 -12.31 -19.10 -6.40
N ILE A 778 -13.30 -18.35 -5.94
CA ILE A 778 -13.82 -17.22 -6.76
C ILE A 778 -12.73 -16.13 -6.83
N LEU A 779 -11.88 -16.02 -5.81
CA LEU A 779 -10.81 -14.98 -5.78
C LEU A 779 -9.65 -15.34 -6.71
N ILE A 780 -9.22 -16.59 -6.71
CA ILE A 780 -8.07 -17.05 -7.55
C ILE A 780 -8.46 -16.89 -9.03
N ASN A 781 -9.64 -17.38 -9.42
CA ASN A 781 -9.96 -17.41 -10.87
C ASN A 781 -9.63 -16.07 -11.53
N SER A 782 -9.73 -14.98 -10.79
CA SER A 782 -9.53 -13.65 -11.42
C SER A 782 -8.12 -13.54 -12.02
N MET A 783 -7.12 -14.07 -11.34
CA MET A 783 -5.72 -13.91 -11.80
C MET A 783 -5.48 -14.71 -13.08
N GLY A 784 -6.26 -15.78 -13.30
CA GLY A 784 -6.11 -16.60 -14.51
C GLY A 784 -4.76 -17.25 -14.61
N GLY A 785 -4.11 -17.17 -15.78
CA GLY A 785 -2.82 -17.84 -16.00
C GLY A 785 -1.73 -17.29 -15.12
N ALA A 786 -1.94 -16.12 -14.54
CA ALA A 786 -0.95 -15.57 -13.60
C ALA A 786 -0.77 -16.56 -12.44
N ASN A 787 -1.88 -17.12 -11.96
CA ASN A 787 -1.80 -18.02 -10.78
C ASN A 787 -1.72 -19.47 -11.28
N PRO A 788 -0.59 -20.17 -11.08
CA PRO A 788 -0.44 -21.55 -11.53
C PRO A 788 -1.45 -22.44 -10.81
N LEU A 789 -1.93 -21.98 -9.65
CA LEU A 789 -2.94 -22.76 -8.90
C LEU A 789 -4.17 -22.95 -9.79
N ASN A 790 -4.40 -22.04 -10.74
CA ASN A 790 -5.57 -22.15 -11.65
C ASN A 790 -5.41 -23.39 -12.56
N ARG A 791 -4.21 -23.66 -13.04
CA ARG A 791 -3.97 -24.83 -13.94
C ARG A 791 -4.62 -26.07 -13.33
N HIS A 792 -4.72 -26.13 -12.00
CA HIS A 792 -5.29 -27.29 -11.33
C HIS A 792 -6.38 -26.83 -10.36
N SER A 793 -6.89 -27.78 -9.58
CA SER A 793 -7.91 -27.50 -8.58
C SER A 793 -7.27 -27.12 -7.26
N LEU A 794 -7.93 -26.22 -6.54
CA LEU A 794 -7.40 -25.78 -5.27
C LEU A 794 -7.66 -26.83 -4.19
N PRO A 795 -6.77 -26.93 -3.21
CA PRO A 795 -6.93 -27.93 -2.14
C PRO A 795 -8.02 -27.50 -1.16
N ASP A 796 -8.17 -28.31 -0.12
CA ASP A 796 -9.10 -28.00 0.98
C ASP A 796 -8.26 -27.51 2.15
N VAL A 797 -8.01 -26.21 2.21
CA VAL A 797 -7.11 -25.73 3.27
C VAL A 797 -7.95 -25.02 4.31
N HIS A 798 -8.71 -25.77 5.11
CA HIS A 798 -9.64 -25.14 6.09
C HIS A 798 -9.22 -25.52 7.50
N PHE A 799 -9.44 -24.64 8.48
CA PHE A 799 -8.95 -24.97 9.83
C PHE A 799 -9.57 -26.32 10.20
N ARG A 800 -8.72 -27.31 10.46
CA ARG A 800 -9.23 -28.67 10.75
C ARG A 800 -9.24 -28.86 12.25
N THR A 801 -10.33 -29.34 12.83
CA THR A 801 -10.27 -29.63 14.29
C THR A 801 -9.24 -30.72 14.60
N THR A 802 -8.95 -30.88 15.90
CA THR A 802 -7.91 -31.86 16.32
C THR A 802 -8.27 -33.26 15.85
N ASP A 803 -9.53 -33.69 15.99
CA ASP A 803 -9.93 -35.07 15.60
C ASP A 803 -9.75 -35.30 14.10
N GLU A 804 -10.11 -34.28 13.30
CA GLU A 804 -9.96 -34.37 11.83
C GLU A 804 -8.50 -34.61 11.51
N MET A 805 -7.62 -33.84 12.13
CA MET A 805 -6.17 -33.99 11.86
C MET A 805 -5.72 -35.38 12.33
N LEU A 806 -6.10 -35.75 13.56
CA LEU A 806 -5.73 -37.08 14.09
C LEU A 806 -6.25 -38.14 13.11
N THR A 807 -7.52 -38.08 12.72
CA THR A 807 -8.08 -39.13 11.84
C THR A 807 -7.33 -39.14 10.51
N ALA A 808 -6.99 -37.96 10.00
CA ALA A 808 -6.34 -37.87 8.67
C ALA A 808 -4.95 -38.52 8.69
N PHE A 809 -4.22 -38.36 9.79
CA PHE A 809 -2.84 -38.90 9.88
C PHE A 809 -2.88 -40.29 10.50
N HIS A 810 -4.06 -40.75 10.90
CA HIS A 810 -4.19 -42.11 11.47
C HIS A 810 -3.50 -43.12 10.56
N PHE A 811 -3.36 -42.80 9.27
CA PHE A 811 -2.79 -43.81 8.34
C PHE A 811 -1.38 -44.14 8.84
N LEU A 812 -0.69 -43.18 9.46
CA LEU A 812 0.67 -43.41 10.01
C LEU A 812 0.62 -44.44 11.15
N GLY A 813 -0.33 -44.31 12.07
CA GLY A 813 -0.34 -45.20 13.24
C GLY A 813 -1.10 -44.58 14.39
N GLU A 814 -1.02 -45.14 15.61
CA GLU A 814 -1.86 -44.53 16.67
C GLU A 814 -0.99 -43.66 17.57
N GLU A 815 0.20 -44.15 17.93
CA GLU A 815 1.10 -43.39 18.82
C GLU A 815 1.98 -42.48 17.97
N THR A 816 1.75 -42.44 16.66
CA THR A 816 2.51 -41.46 15.88
C THR A 816 1.64 -40.27 15.50
N ALA A 817 0.38 -40.51 15.16
CA ALA A 817 -0.52 -39.42 14.83
C ALA A 817 -0.72 -38.50 16.02
N LYS A 818 -1.01 -39.09 17.18
CA LYS A 818 -1.19 -38.29 18.39
C LYS A 818 0.07 -37.53 18.76
N GLU A 819 1.24 -38.08 18.40
CA GLU A 819 2.48 -37.38 18.71
C GLU A 819 2.69 -36.19 17.78
N ILE A 820 2.61 -36.43 16.47
CA ILE A 820 2.91 -35.35 15.52
C ILE A 820 1.80 -34.32 15.44
N VAL A 821 0.60 -34.64 15.93
CA VAL A 821 -0.52 -33.70 15.87
C VAL A 821 -0.61 -32.86 17.14
N VAL A 822 -0.52 -33.50 18.31
CA VAL A 822 -0.77 -32.83 19.58
C VAL A 822 0.53 -32.55 20.33
N GLU A 823 1.34 -33.58 20.56
CA GLU A 823 2.50 -33.43 21.42
C GLU A 823 3.56 -32.52 20.79
N ASN A 824 3.91 -32.77 19.52
CA ASN A 824 5.00 -32.03 18.90
C ASN A 824 4.60 -30.59 18.62
N THR A 825 3.35 -30.36 18.21
CA THR A 825 2.90 -28.99 17.98
C THR A 825 2.94 -28.19 19.27
N ASN A 826 2.49 -28.78 20.38
CA ASN A 826 2.53 -28.07 21.64
C ASN A 826 3.96 -27.91 22.16
N LYS A 827 4.84 -28.84 21.84
CA LYS A 827 6.26 -28.65 22.15
C LYS A 827 6.81 -27.44 21.41
N ILE A 828 6.48 -27.30 20.12
CA ILE A 828 6.93 -26.16 19.35
C ILE A 828 6.36 -24.87 19.93
N ALA A 829 5.08 -24.89 20.31
CA ALA A 829 4.47 -23.72 20.92
C ALA A 829 5.17 -23.34 22.22
N ASP A 830 5.50 -24.34 23.05
CA ASP A 830 6.15 -24.07 24.32
C ASP A 830 7.58 -23.57 24.12
N ILE A 831 8.22 -23.94 23.01
CA ILE A 831 9.57 -23.44 22.74
C ILE A 831 9.57 -21.92 22.67
N CYS A 832 8.56 -21.36 21.98
CA CYS A 832 8.53 -19.90 21.73
C CYS A 832 8.07 -19.10 22.95
N GLU A 833 8.82 -18.06 23.32
CA GLU A 833 8.42 -17.18 24.45
C GLU A 833 7.41 -16.15 23.94
N GLU A 834 6.59 -15.59 24.83
CA GLU A 834 5.54 -14.64 24.39
C GLU A 834 6.19 -13.43 23.70
N VAL A 835 5.67 -13.04 22.53
CA VAL A 835 6.22 -11.89 21.76
C VAL A 835 5.14 -10.80 21.68
N ILE A 836 5.55 -9.52 21.64
CA ILE A 836 4.58 -8.40 21.43
C ILE A 836 5.00 -7.66 20.17
N PRO A 837 4.22 -7.70 19.07
CA PRO A 837 4.64 -7.10 17.80
C PRO A 837 4.49 -5.58 17.76
N VAL A 838 3.68 -4.99 18.63
CA VAL A 838 3.42 -3.57 18.62
C VAL A 838 3.79 -2.98 19.99
N LYS A 839 4.33 -1.77 19.98
CA LYS A 839 4.73 -1.11 21.21
C LYS A 839 3.50 -0.58 21.96
N ASP A 840 3.74 -0.08 23.16
CA ASP A 840 2.68 0.38 24.05
C ASP A 840 2.61 1.90 24.17
N GLU A 841 3.75 2.57 24.24
CA GLU A 841 3.81 4.01 24.42
C GLU A 841 4.18 4.69 23.10
N LEU A 842 4.24 6.02 23.15
CA LEU A 842 4.66 6.82 22.01
C LEU A 842 6.13 7.18 22.18
N TYR A 843 6.92 6.95 21.14
CA TYR A 843 8.35 7.25 21.15
C TYR A 843 8.60 8.38 20.18
N THR A 844 8.67 9.56 20.67
CA THR A 844 8.92 10.68 19.81
C THR A 844 10.41 10.96 19.67
N PRO A 845 10.83 11.58 18.57
CA PRO A 845 12.24 11.94 18.45
C PRO A 845 12.63 12.98 19.49
N LYS A 846 13.92 13.02 19.81
CA LYS A 846 14.45 13.96 20.78
C LYS A 846 15.29 15.00 20.04
N ILE A 847 14.92 16.26 20.17
CA ILE A 847 15.71 17.39 19.73
C ILE A 847 16.13 18.19 20.96
N PRO A 848 17.43 18.34 21.24
CA PRO A 848 17.83 19.06 22.45
C PRO A 848 17.31 20.49 22.44
N GLY A 849 16.90 20.96 23.60
CA GLY A 849 16.40 22.32 23.72
C GLY A 849 15.16 22.59 22.87
N SER A 850 14.19 21.68 22.93
CA SER A 850 12.96 21.85 22.17
C SER A 850 11.89 22.60 22.96
N GLU A 851 11.69 22.26 24.23
CA GLU A 851 10.72 22.98 25.05
C GLU A 851 11.11 24.44 25.20
N ASP A 852 12.39 24.69 25.51
CA ASP A 852 12.86 26.05 25.63
C ASP A 852 12.75 26.80 24.32
N GLU A 853 13.07 26.14 23.22
CA GLU A 853 12.98 26.81 21.91
C GLU A 853 11.54 27.18 21.58
N ILE A 854 10.59 26.27 21.84
CA ILE A 854 9.19 26.57 21.55
C ILE A 854 8.70 27.71 22.43
N SER A 855 9.03 27.68 23.73
CA SER A 855 8.62 28.76 24.62
C SER A 855 9.21 30.09 24.17
N GLU A 856 10.50 30.09 23.82
CA GLU A 856 11.15 31.33 23.39
C GLU A 856 10.51 31.87 22.12
N LEU A 857 10.25 31.01 21.14
CA LEU A 857 9.60 31.47 19.92
C LEU A 857 8.23 32.06 20.22
N SER A 858 7.43 31.34 21.01
CA SER A 858 6.08 31.81 21.30
C SER A 858 6.11 33.17 21.99
N TYR A 859 6.96 33.31 23.02
CA TYR A 859 6.99 34.54 23.77
C TYR A 859 7.59 35.68 22.97
N THR A 860 8.58 35.40 22.12
CA THR A 860 9.15 36.45 21.28
C THR A 860 8.09 36.99 20.32
N LYS A 861 7.36 36.10 19.65
CA LYS A 861 6.31 36.57 18.75
C LYS A 861 5.21 37.30 19.51
N ALA A 862 4.82 36.78 20.67
CA ALA A 862 3.78 37.43 21.46
C ALA A 862 4.22 38.82 21.91
N LYS A 863 5.48 38.98 22.32
CA LYS A 863 5.97 40.30 22.69
C LYS A 863 5.98 41.24 21.48
N GLN A 864 6.43 40.75 20.33
CA GLN A 864 6.47 41.59 19.15
C GLN A 864 5.06 42.06 18.77
N MET A 865 4.06 41.21 18.97
CA MET A 865 2.71 41.54 18.54
C MET A 865 1.91 42.29 19.60
N TYR A 866 2.26 42.11 20.87
CA TYR A 866 1.41 42.72 21.94
C TYR A 866 2.23 43.39 23.04
N GLY A 867 3.55 43.51 22.93
CA GLY A 867 4.34 44.29 23.90
C GLY A 867 4.86 43.49 25.08
N ASP A 868 5.98 43.94 25.67
CA ASP A 868 6.63 43.17 26.76
C ASP A 868 5.72 43.04 27.98
N PRO A 869 4.93 44.06 28.37
CA PRO A 869 3.95 43.88 29.44
C PRO A 869 2.79 43.16 28.75
N LEU A 870 2.88 41.84 28.58
CA LEU A 870 1.85 41.09 27.80
C LEU A 870 0.49 41.16 28.49
N PRO A 871 -0.62 41.23 27.71
CA PRO A 871 -1.96 41.26 28.29
C PRO A 871 -2.28 39.98 29.06
N GLU A 872 -3.11 40.08 30.09
CA GLU A 872 -3.45 38.90 30.93
C GLU A 872 -4.00 37.79 30.06
N ILE A 873 -4.92 38.09 29.14
CA ILE A 873 -5.54 37.05 28.34
C ILE A 873 -4.48 36.24 27.62
N ILE A 874 -3.54 36.92 26.96
CA ILE A 874 -2.50 36.24 26.21
C ILE A 874 -1.55 35.53 27.15
N GLN A 875 -1.25 36.13 28.31
CA GLN A 875 -0.42 35.46 29.30
C GLN A 875 -1.05 34.15 29.74
N LYS A 876 -2.33 34.17 30.11
CA LYS A 876 -2.99 32.96 30.54
C LYS A 876 -3.01 31.91 29.43
N ARG A 877 -3.35 32.34 28.21
CA ARG A 877 -3.41 31.40 27.10
C ARG A 877 -2.06 30.74 26.87
N LEU A 878 -1.01 31.54 26.75
CA LEU A 878 0.32 31.00 26.47
C LEU A 878 0.78 30.10 27.61
N LYS A 879 0.56 30.51 28.86
CA LYS A 879 1.01 29.70 29.98
C LYS A 879 0.31 28.35 29.99
N LYS A 880 -1.01 28.34 29.78
CA LYS A 880 -1.73 27.08 29.81
C LYS A 880 -1.32 26.18 28.64
N GLU A 881 -1.24 26.74 27.44
CA GLU A 881 -0.85 25.95 26.28
C GLU A 881 0.54 25.35 26.48
N LEU A 882 1.49 26.17 26.92
CA LEU A 882 2.86 25.70 27.04
C LEU A 882 3.02 24.73 28.20
N ASN A 883 2.23 24.88 29.27
CA ASN A 883 2.28 23.89 30.34
C ASN A 883 1.72 22.56 29.88
N SER A 884 0.65 22.59 29.08
CA SER A 884 0.13 21.35 28.52
C SER A 884 1.13 20.70 27.56
N ILE A 885 1.78 21.50 26.72
CA ILE A 885 2.68 20.96 25.70
C ILE A 885 3.97 20.47 26.34
N ASN A 886 4.74 21.39 26.92
CA ASN A 886 6.04 21.02 27.50
C ASN A 886 5.87 20.05 28.65
N GLY A 887 4.74 20.10 29.34
CA GLY A 887 4.52 19.17 30.43
C GLY A 887 4.39 17.73 29.97
N ASN A 888 3.78 17.52 28.81
CA ASN A 888 3.54 16.17 28.29
C ASN A 888 4.62 15.71 27.33
N GLY A 889 5.66 16.49 27.11
CA GLY A 889 6.69 16.14 26.15
C GLY A 889 6.21 16.15 24.71
N PHE A 890 5.38 17.12 24.35
CA PHE A 890 4.89 17.26 22.98
C PHE A 890 5.59 18.39 22.22
N SER A 891 6.62 19.00 22.82
CA SER A 891 7.26 20.14 22.18
C SER A 891 7.99 19.76 20.90
N VAL A 892 8.34 18.48 20.78
CA VAL A 892 9.02 17.99 19.55
C VAL A 892 8.03 18.12 18.39
N ILE A 893 6.76 17.78 18.60
CA ILE A 893 5.76 17.83 17.49
C ILE A 893 5.70 19.26 17.00
N TYR A 894 5.48 20.19 17.93
CA TYR A 894 5.37 21.61 17.57
C TYR A 894 6.68 22.08 16.95
N LEU A 895 7.83 21.66 17.48
CA LEU A 895 9.13 22.17 16.97
C LEU A 895 9.34 21.72 15.52
N ILE A 896 9.02 20.46 15.22
CA ILE A 896 9.18 19.93 13.83
C ILE A 896 8.24 20.73 12.94
N ALA A 897 7.02 20.97 13.44
CA ALA A 897 6.03 21.68 12.60
C ALA A 897 6.63 23.04 12.29
N GLN A 898 7.18 23.71 13.30
CA GLN A 898 7.71 25.08 13.14
C GLN A 898 8.83 25.03 12.12
N LYS A 899 9.76 24.09 12.22
CA LYS A 899 10.92 24.12 11.27
C LYS A 899 10.37 23.92 9.86
N LEU A 900 9.46 22.97 9.70
CA LEU A 900 8.95 22.68 8.33
C LEU A 900 8.27 23.94 7.77
N VAL A 901 7.42 24.58 8.56
CA VAL A 901 6.67 25.79 8.08
C VAL A 901 7.66 26.92 7.78
N HIS A 902 8.69 27.09 8.61
CA HIS A 902 9.72 28.16 8.41
C HIS A 902 10.44 27.92 7.09
N LYS A 903 10.83 26.68 6.83
CA LYS A 903 11.57 26.38 5.59
C LYS A 903 10.62 26.64 4.41
N SER A 904 9.35 26.30 4.60
CA SER A 904 8.35 26.50 3.52
C SER A 904 8.27 28.00 3.21
N ASN A 905 8.23 28.82 4.25
CA ASN A 905 8.14 30.29 4.07
C ASN A 905 9.41 30.79 3.38
N GLU A 906 10.58 30.24 3.74
CA GLU A 906 11.86 30.70 3.16
C GLU A 906 11.88 30.39 1.65
N ASP A 907 11.28 29.27 1.22
CA ASP A 907 11.18 29.00 -0.20
C ASP A 907 10.04 29.77 -0.87
N GLY A 908 9.19 30.42 -0.09
CA GLY A 908 8.15 31.27 -0.64
C GLY A 908 6.82 30.55 -0.83
N TYR A 909 6.46 29.70 0.12
CA TYR A 909 5.24 28.93 0.04
C TYR A 909 4.43 29.08 1.32
N LEU A 910 3.14 29.31 1.22
CA LEU A 910 2.34 29.37 2.45
C LEU A 910 1.92 27.95 2.82
N VAL A 911 1.94 27.60 4.09
CA VAL A 911 1.47 26.26 4.48
C VAL A 911 0.14 26.42 5.18
N GLY A 912 -0.91 25.79 4.69
CA GLY A 912 -2.20 25.80 5.38
C GLY A 912 -2.25 24.66 6.33
N SER A 913 -3.39 24.44 6.95
CA SER A 913 -3.51 23.38 7.97
C SER A 913 -4.83 22.68 7.83
N ARG A 914 -4.90 21.46 8.32
CA ARG A 914 -6.15 20.72 8.36
C ARG A 914 -6.22 20.28 9.81
N GLY A 915 -7.41 20.13 10.36
CA GLY A 915 -7.63 19.72 11.72
C GLY A 915 -7.64 20.88 12.70
N SER A 916 -7.08 20.67 13.89
CA SER A 916 -7.26 21.59 15.00
C SER A 916 -5.95 22.25 15.44
N VAL A 917 -4.94 22.30 14.58
CA VAL A 917 -3.71 22.99 14.97
C VAL A 917 -3.97 24.47 15.15
N GLY A 918 -4.85 25.05 14.33
CA GLY A 918 -5.16 26.47 14.44
C GLY A 918 -5.80 26.86 15.75
N SER A 919 -6.24 25.88 16.55
CA SER A 919 -6.76 26.16 17.88
C SER A 919 -5.66 26.49 18.88
N SER A 920 -4.40 26.37 18.50
CA SER A 920 -3.29 26.59 19.40
C SER A 920 -2.70 27.97 19.16
N PHE A 921 -2.62 28.77 20.23
CA PHE A 921 -1.97 30.07 20.13
C PHE A 921 -0.46 29.94 20.07
N VAL A 922 0.09 28.87 20.66
CA VAL A 922 1.51 28.58 20.47
C VAL A 922 1.80 28.22 19.02
N ALA A 923 0.85 27.55 18.35
CA ALA A 923 0.99 27.30 16.93
C ALA A 923 0.92 28.58 16.12
N THR A 924 0.15 29.57 16.58
CA THR A 924 0.11 30.85 15.90
C THR A 924 1.40 31.63 16.09
N MET A 925 1.92 31.65 17.32
CA MET A 925 3.11 32.44 17.62
C MET A 925 4.38 31.80 17.09
N THR A 926 4.46 30.47 17.14
CA THR A 926 5.59 29.78 16.54
C THR A 926 5.59 29.84 15.02
N GLY A 927 4.50 30.29 14.41
CA GLY A 927 4.40 30.43 12.98
C GLY A 927 3.82 29.24 12.25
N ILE A 928 3.42 28.20 12.96
CA ILE A 928 2.92 26.99 12.32
C ILE A 928 1.62 27.28 11.59
N THR A 929 0.76 28.10 12.23
CA THR A 929 -0.57 28.44 11.66
C THR A 929 -0.76 29.95 11.53
N GLU A 930 -1.69 30.39 10.68
CA GLU A 930 -2.01 31.85 10.52
C GLU A 930 -3.33 32.15 11.21
N VAL A 931 -4.13 31.13 11.52
CA VAL A 931 -5.40 31.36 12.27
C VAL A 931 -5.01 31.83 13.67
N ASN A 932 -5.74 32.81 14.23
CA ASN A 932 -5.46 33.27 15.61
C ASN A 932 -6.61 32.84 16.50
N PRO A 933 -6.46 31.80 17.35
CA PRO A 933 -7.58 31.33 18.15
C PRO A 933 -7.97 32.24 19.29
N LEU A 934 -7.43 33.45 19.36
CA LEU A 934 -7.74 34.32 20.52
C LEU A 934 -9.13 34.93 20.32
N ALA A 935 -9.66 35.61 21.34
CA ALA A 935 -11.00 36.25 21.25
C ALA A 935 -10.94 37.50 20.38
N PRO A 936 -12.05 37.99 19.81
CA PRO A 936 -12.00 39.12 18.89
C PRO A 936 -11.24 40.25 19.59
N HIS A 937 -10.27 40.86 18.93
CA HIS A 937 -9.44 41.87 19.63
C HIS A 937 -8.86 42.89 18.67
N TYR A 938 -8.49 44.06 19.18
CA TYR A 938 -7.82 45.09 18.35
C TYR A 938 -6.37 45.14 18.79
N TYR A 939 -5.42 45.30 17.90
CA TYR A 939 -4.01 45.44 18.39
C TYR A 939 -3.27 46.47 17.55
N CYS A 940 -2.43 47.27 18.19
CA CYS A 940 -1.75 48.36 17.45
C CYS A 940 -0.40 47.88 16.91
N PRO A 941 -0.16 48.01 15.60
CA PRO A 941 1.08 47.53 14.99
C PRO A 941 2.32 48.18 15.63
N GLU A 942 2.24 49.46 16.02
CA GLU A 942 3.44 50.19 16.52
C GLU A 942 3.48 50.23 18.05
N CYS A 943 2.40 50.66 18.71
CA CYS A 943 2.41 50.80 20.19
C CYS A 943 2.34 49.42 20.83
N GLN A 944 1.82 48.43 20.10
CA GLN A 944 1.58 47.10 20.73
C GLN A 944 0.49 47.28 21.79
N TYR A 945 -0.52 48.12 21.51
CA TYR A 945 -1.66 48.33 22.44
C TYR A 945 -2.66 47.17 22.24
N SER A 946 -3.66 47.04 23.11
CA SER A 946 -4.56 45.87 22.95
C SER A 946 -5.94 46.09 23.57
N GLU A 947 -7.00 45.64 22.90
CA GLU A 947 -8.37 45.71 23.47
C GLU A 947 -9.05 44.38 23.14
N PHE A 948 -9.73 43.76 24.11
CA PHE A 948 -10.29 42.41 23.83
C PHE A 948 -11.80 42.39 24.03
N PHE A 949 -12.50 41.51 23.31
CA PHE A 949 -13.98 41.44 23.37
C PHE A 949 -14.40 40.02 23.73
N GLY A 952 -18.06 38.41 23.27
CA GLY A 952 -18.65 37.77 22.09
C GLY A 952 -19.60 38.64 21.31
N THR A 953 -19.58 39.96 21.51
CA THR A 953 -20.44 40.84 20.68
C THR A 953 -20.04 40.68 19.21
N TYR A 954 -18.73 40.71 18.92
CA TYR A 954 -18.25 40.53 17.53
C TYR A 954 -17.85 39.07 17.32
N GLY A 955 -18.40 38.43 16.29
CA GLY A 955 -18.13 37.00 16.06
C GLY A 955 -16.66 36.75 15.81
N SER A 956 -16.03 37.63 15.02
CA SER A 956 -14.58 37.52 14.76
C SER A 956 -13.99 38.92 14.65
N GLY A 957 -12.73 39.09 15.02
CA GLY A 957 -12.09 40.41 14.99
C GLY A 957 -12.11 40.99 13.59
N PHE A 958 -11.94 40.16 12.57
CA PHE A 958 -11.93 40.65 11.16
C PHE A 958 -13.26 41.33 10.89
N ASP A 959 -14.32 40.90 11.58
CA ASP A 959 -15.65 41.54 11.42
C ASP A 959 -15.85 42.61 12.48
N MET A 960 -14.92 43.56 12.59
CA MET A 960 -15.00 44.63 13.62
C MET A 960 -14.84 45.99 12.93
N PRO A 961 -15.45 47.09 13.44
CA PRO A 961 -15.25 48.42 12.84
C PRO A 961 -13.76 48.65 12.54
N GLU A 962 -13.45 49.50 11.55
CA GLU A 962 -12.03 49.85 11.31
C GLU A 962 -11.65 51.03 12.24
N LYS A 963 -11.33 50.75 13.50
CA LYS A 963 -10.97 51.81 14.48
C LYS A 963 -9.52 52.23 14.31
N GLN A 964 -9.15 53.41 14.84
CA GLN A 964 -7.73 53.88 14.78
C GLN A 964 -7.15 53.80 16.19
N CYS A 965 -5.90 53.39 16.32
CA CYS A 965 -5.31 53.17 17.63
C CYS A 965 -5.59 54.38 18.53
N PRO A 966 -6.09 54.17 19.74
CA PRO A 966 -6.19 55.30 20.68
C PRO A 966 -4.84 55.90 21.03
N LYS A 967 -3.79 55.07 21.11
CA LYS A 967 -2.49 55.56 21.53
C LYS A 967 -1.76 56.33 20.45
N CYS A 968 -1.94 55.97 19.19
CA CYS A 968 -1.25 56.64 18.09
C CYS A 968 -2.20 56.68 16.89
N GLY A 969 -1.67 57.13 15.75
CA GLY A 969 -2.49 57.32 14.58
C GLY A 969 -2.63 56.14 13.65
N ALA A 970 -1.96 55.03 13.95
CA ALA A 970 -1.98 53.87 13.06
C ALA A 970 -3.30 53.13 13.17
N ARG A 971 -3.70 52.52 12.05
CA ARG A 971 -4.97 51.77 11.98
C ARG A 971 -4.86 50.52 12.84
N LEU A 972 -5.65 50.44 13.91
CA LEU A 972 -5.49 49.31 14.83
C LEU A 972 -5.65 48.03 13.99
N ASN A 973 -4.78 47.04 14.18
CA ASN A 973 -4.96 45.74 13.49
C ASN A 973 -6.07 45.01 14.24
N LYS A 974 -6.74 44.04 13.61
CA LYS A 974 -7.79 43.24 14.31
C LYS A 974 -7.60 41.76 13.99
N ASP A 975 -7.95 40.88 14.94
CA ASP A 975 -7.76 39.42 14.74
C ASP A 975 -8.57 38.65 15.79
N GLY A 976 -8.55 37.32 15.76
CA GLY A 976 -9.21 36.52 16.81
C GLY A 976 -10.40 35.74 16.29
N HIS A 977 -10.43 34.41 16.46
CA HIS A 977 -11.63 33.71 16.05
C HIS A 977 -12.30 32.93 17.17
N ASP A 978 -11.81 33.03 18.41
CA ASP A 978 -12.45 32.42 19.56
C ASP A 978 -12.50 30.89 19.42
N ILE A 979 -11.32 30.31 19.23
CA ILE A 979 -11.17 28.86 19.08
C ILE A 979 -10.43 28.34 20.31
N PRO A 980 -11.10 27.62 21.21
CA PRO A 980 -10.40 27.10 22.39
C PRO A 980 -9.35 26.08 22.01
N PHE A 981 -8.28 26.05 22.79
CA PHE A 981 -7.23 25.07 22.57
C PHE A 981 -7.63 23.68 23.02
N GLU A 982 -8.69 23.56 23.82
CA GLU A 982 -9.12 22.24 24.29
C GLU A 982 -9.52 21.34 23.14
N THR A 983 -9.95 21.92 22.03
CA THR A 983 -10.28 21.11 20.86
C THR A 983 -9.06 20.42 20.29
N PHE A 984 -7.90 21.08 20.38
CA PHE A 984 -6.64 20.53 19.85
C PHE A 984 -5.94 19.71 20.94
N LEU A 985 -5.73 20.31 22.13
CA LEU A 985 -4.97 19.61 23.21
C LEU A 985 -5.95 18.93 24.17
N GLY A 986 -7.25 18.94 23.85
CA GLY A 986 -8.22 18.22 24.70
C GLY A 986 -8.38 18.90 26.04
N PHE A 987 -9.46 18.57 26.77
CA PHE A 987 -9.59 19.14 28.13
C PHE A 987 -8.40 18.64 28.96
N HIS A 988 -7.81 19.50 29.78
CA HIS A 988 -6.62 19.12 30.61
C HIS A 988 -5.38 19.05 29.74
N GLY A 989 -5.51 19.13 28.40
CA GLY A 989 -4.32 19.17 27.55
C GLY A 989 -3.50 17.89 27.61
N ASP A 990 -4.17 16.75 27.68
CA ASP A 990 -3.45 15.45 27.82
C ASP A 990 -3.42 14.76 26.46
N LYS A 991 -3.76 15.50 25.40
CA LYS A 991 -3.88 14.88 24.09
C LYS A 991 -2.63 15.16 23.25
N VAL A 992 -2.29 14.19 22.41
CA VAL A 992 -1.13 14.35 21.52
C VAL A 992 -1.48 15.37 20.44
N PRO A 993 -0.69 16.43 20.26
CA PRO A 993 -0.97 17.37 19.19
C PRO A 993 -0.90 16.68 17.83
N ASP A 994 -1.81 17.07 16.94
CA ASP A 994 -1.87 16.54 15.58
C ASP A 994 -1.91 17.72 14.61
N ILE A 995 -0.84 17.88 13.84
CA ILE A 995 -0.65 19.04 12.98
C ILE A 995 -0.52 18.55 11.55
N ASP A 996 -1.64 18.56 10.82
CA ASP A 996 -1.65 18.18 9.40
C ASP A 996 -1.46 19.46 8.63
N LEU A 997 -0.45 19.53 7.78
CA LEU A 997 -0.14 20.80 7.10
C LEU A 997 -0.30 20.62 5.61
N ASN A 998 -1.05 21.49 4.98
CA ASN A 998 -1.27 21.41 3.53
C ASN A 998 -0.19 22.26 2.89
N PHE A 999 0.94 21.65 2.58
CA PHE A 999 2.05 22.33 1.90
C PHE A 999 1.67 22.32 0.44
N SER A 1000 2.39 23.06 -0.39
CA SER A 1000 1.99 23.14 -1.81
C SER A 1000 2.22 21.78 -2.41
N GLY A 1001 1.59 21.52 -3.53
CA GLY A 1001 1.87 20.27 -4.22
C GLY A 1001 3.27 20.22 -4.77
N ASP A 1002 3.79 21.36 -5.23
CA ASP A 1002 5.16 21.39 -5.74
C ASP A 1002 6.18 21.15 -4.64
N TYR A 1003 6.00 21.79 -3.46
CA TYR A 1003 7.04 21.74 -2.41
C TYR A 1003 6.94 20.53 -1.46
N GLN A 1004 5.99 19.62 -1.68
CA GLN A 1004 5.84 18.48 -0.73
C GLN A 1004 7.13 17.65 -0.77
N ALA A 1005 7.72 17.47 -1.94
CA ALA A 1005 8.96 16.67 -2.06
C ALA A 1005 10.06 17.32 -1.22
N GLU A 1006 10.22 18.64 -1.32
CA GLU A 1006 11.28 19.35 -0.56
C GLU A 1006 10.99 19.17 0.93
N ALA A 1007 9.71 19.26 1.33
CA ALA A 1007 9.37 19.12 2.76
C ALA A 1007 9.77 17.72 3.26
N HIS A 1008 9.46 16.69 2.47
CA HIS A 1008 9.78 15.29 2.89
C HIS A 1008 11.29 15.11 2.95
N ASN A 1009 12.00 15.70 1.99
CA ASN A 1009 13.49 15.60 1.97
C ASN A 1009 14.06 16.26 3.22
N TYR A 1010 13.48 17.38 3.66
CA TYR A 1010 13.95 18.07 4.88
C TYR A 1010 13.62 17.23 6.11
N THR A 1011 12.48 16.54 6.09
CA THR A 1011 12.17 15.62 7.23
C THR A 1011 13.26 14.55 7.25
N LYS A 1012 13.72 14.12 6.07
CA LYS A 1012 14.86 13.16 6.05
C LYS A 1012 16.10 13.83 6.66
N VAL A 1013 16.42 15.05 6.22
CA VAL A 1013 17.62 15.79 6.72
C VAL A 1013 17.51 15.98 8.22
N LEU A 1014 16.31 16.29 8.70
CA LEU A 1014 16.15 16.54 10.12
C LEU A 1014 16.47 15.30 10.94
N PHE A 1015 15.99 14.14 10.50
CA PHE A 1015 16.12 12.93 11.30
C PHE A 1015 16.98 11.84 10.69
N GLY A 1016 17.52 12.04 9.50
CA GLY A 1016 18.38 11.05 8.91
C GLY A 1016 17.65 10.14 7.94
N GLU A 1017 18.38 9.67 6.93
CA GLU A 1017 17.76 8.83 5.90
C GLU A 1017 17.30 7.48 6.43
N ASP A 1018 17.80 7.05 7.57
CA ASP A 1018 17.50 5.71 8.09
C ASP A 1018 16.42 5.72 9.16
N TYR A 1019 15.80 6.87 9.45
CA TYR A 1019 14.81 6.96 10.50
C TYR A 1019 13.50 7.58 10.05
N VAL A 1020 13.37 7.97 8.78
CA VAL A 1020 12.14 8.51 8.24
C VAL A 1020 11.68 7.58 7.12
N TYR A 1021 10.41 7.17 7.18
CA TYR A 1021 9.84 6.27 6.19
C TYR A 1021 8.48 6.79 5.77
N ARG A 1022 8.21 6.77 4.45
CA ARG A 1022 6.86 7.14 3.99
C ARG A 1022 5.88 6.17 4.64
N ALA A 1023 4.75 6.65 5.11
CA ALA A 1023 3.73 5.80 5.79
C ALA A 1023 3.17 4.77 4.81
N GLY A 1024 2.56 3.69 5.32
CA GLY A 1024 2.10 2.60 4.44
C GLY A 1024 0.63 2.26 4.59
N THR A 1025 -0.04 1.95 3.46
CA THR A 1025 -1.47 1.58 3.47
C THR A 1025 -1.65 0.31 2.66
N ILE A 1026 -2.45 -0.63 3.17
CA ILE A 1026 -2.70 -1.92 2.46
C ILE A 1026 -3.95 -1.78 1.60
N GLY A 1027 -3.83 -1.56 0.29
CA GLY A 1027 -5.04 -1.48 -0.49
C GLY A 1027 -5.60 -2.88 -0.70
N THR A 1028 -6.87 -3.04 -0.38
CA THR A 1028 -7.53 -4.33 -0.43
C THR A 1028 -8.54 -4.38 -1.57
N VAL A 1029 -9.26 -5.50 -1.64
CA VAL A 1029 -10.34 -5.69 -2.67
C VAL A 1029 -11.66 -5.20 -2.09
N ALA A 1030 -12.37 -4.32 -2.80
CA ALA A 1030 -13.66 -3.76 -2.32
C ALA A 1030 -14.81 -4.40 -3.11
N ASP A 1031 -16.01 -4.28 -2.57
CA ASP A 1031 -17.20 -4.99 -3.11
C ASP A 1031 -17.43 -4.73 -4.61
N LYS A 1032 -17.18 -3.54 -5.13
CA LYS A 1032 -17.39 -3.44 -6.61
C LYS A 1032 -16.47 -4.46 -7.29
N THR A 1033 -15.19 -4.46 -6.92
CA THR A 1033 -14.21 -5.39 -7.52
C THR A 1033 -14.62 -6.82 -7.22
N ALA A 1034 -15.10 -7.08 -6.00
CA ALA A 1034 -15.42 -8.47 -5.62
C ALA A 1034 -16.59 -8.97 -6.46
N TYR A 1035 -17.60 -8.12 -6.67
CA TYR A 1035 -18.79 -8.47 -7.48
C TYR A 1035 -18.29 -8.75 -8.89
N GLY A 1036 -17.39 -7.90 -9.38
CA GLY A 1036 -16.87 -8.11 -10.74
C GLY A 1036 -16.21 -9.46 -10.83
N TYR A 1037 -15.36 -9.82 -9.87
CA TYR A 1037 -14.62 -11.11 -9.90
C TYR A 1037 -15.64 -12.26 -9.86
N VAL A 1038 -16.66 -12.13 -9.01
CA VAL A 1038 -17.68 -13.21 -8.86
C VAL A 1038 -18.38 -13.40 -10.20
N LYS A 1039 -18.78 -12.30 -10.84
CA LYS A 1039 -19.52 -12.37 -12.11
C LYS A 1039 -18.61 -12.98 -13.16
N GLY A 1040 -17.32 -12.66 -13.11
CA GLY A 1040 -16.35 -13.20 -14.07
C GLY A 1040 -16.24 -14.70 -13.91
N TYR A 1041 -16.26 -15.19 -12.67
CA TYR A 1041 -16.23 -16.65 -12.43
C TYR A 1041 -17.45 -17.33 -13.06
N GLU A 1042 -18.65 -16.78 -12.81
CA GLU A 1042 -19.90 -17.41 -13.32
C GLU A 1042 -19.89 -17.43 -14.84
N ARG A 1043 -19.44 -16.36 -15.48
CA ARG A 1043 -19.33 -16.33 -16.95
C ARG A 1043 -18.34 -17.41 -17.41
N ASP A 1044 -17.14 -17.43 -16.82
CA ASP A 1044 -16.08 -18.38 -17.27
C ASP A 1044 -16.47 -19.85 -17.07
N ASN A 1045 -16.99 -20.18 -15.88
CA ASN A 1045 -17.45 -21.57 -15.59
C ASN A 1045 -18.89 -21.75 -16.10
N ASN A 1046 -19.48 -20.71 -16.70
CA ASN A 1046 -20.83 -20.84 -17.31
C ASN A 1046 -21.86 -21.36 -16.29
N LEU A 1047 -21.92 -20.79 -15.08
CA LEU A 1047 -22.95 -21.20 -14.09
C LEU A 1047 -23.78 -19.99 -13.68
N GLN A 1048 -25.11 -20.10 -13.72
CA GLN A 1048 -26.00 -19.00 -13.30
C GLN A 1048 -26.11 -18.98 -11.78
N PHE A 1049 -26.14 -17.80 -11.19
CA PHE A 1049 -26.35 -17.71 -9.73
C PHE A 1049 -27.50 -16.77 -9.46
N ARG A 1050 -28.27 -17.03 -8.42
CA ARG A 1050 -29.30 -16.04 -8.05
C ARG A 1050 -28.54 -14.74 -7.81
N SER A 1051 -29.12 -13.57 -8.05
CA SER A 1051 -28.30 -12.35 -7.85
C SER A 1051 -27.86 -12.25 -6.38
N ALA A 1052 -28.70 -12.77 -5.48
CA ALA A 1052 -28.39 -12.74 -4.04
C ALA A 1052 -27.17 -13.63 -3.74
N GLU A 1053 -27.01 -14.73 -4.48
CA GLU A 1053 -25.81 -15.61 -4.29
C GLU A 1053 -24.59 -14.84 -4.76
N VAL A 1054 -24.71 -14.11 -5.86
CA VAL A 1054 -23.56 -13.26 -6.29
C VAL A 1054 -23.25 -12.34 -5.11
N ASP A 1055 -24.28 -11.78 -4.49
CA ASP A 1055 -24.06 -10.83 -3.36
C ASP A 1055 -23.30 -11.52 -2.21
N ARG A 1056 -23.75 -12.72 -1.82
CA ARG A 1056 -23.09 -13.42 -0.69
C ARG A 1056 -21.64 -13.74 -1.05
N LEU A 1057 -21.40 -14.20 -2.28
CA LEU A 1057 -20.02 -14.58 -2.68
C LEU A 1057 -19.15 -13.33 -2.65
N ALA A 1058 -19.70 -12.20 -3.08
CA ALA A 1058 -18.92 -10.95 -3.11
C ALA A 1058 -18.59 -10.53 -1.67
N LYS A 1059 -19.55 -10.64 -0.76
CA LYS A 1059 -19.25 -10.17 0.62
C LYS A 1059 -18.13 -11.04 1.16
N GLY A 1060 -17.76 -12.11 0.46
CA GLY A 1060 -16.78 -13.07 1.03
C GLY A 1060 -15.40 -12.92 0.43
N ALA A 1061 -15.31 -12.43 -0.80
CA ALA A 1061 -14.01 -12.18 -1.44
C ALA A 1061 -13.60 -10.73 -1.13
N THR A 1062 -14.28 -10.12 -0.18
CA THR A 1062 -13.99 -8.70 0.16
C THR A 1062 -13.07 -8.64 1.39
N GLY A 1063 -12.01 -7.82 1.31
CA GLY A 1063 -11.09 -7.66 2.46
C GLY A 1063 -9.78 -8.38 2.26
N VAL A 1064 -9.53 -8.88 1.07
CA VAL A 1064 -8.28 -9.66 0.80
C VAL A 1064 -7.23 -8.67 0.27
N LYS A 1065 -6.02 -8.71 0.83
CA LYS A 1065 -4.99 -7.73 0.42
C LYS A 1065 -4.87 -7.73 -1.10
N ARG A 1066 -4.89 -6.61 -1.77
CA ARG A 1066 -4.73 -6.72 -3.24
C ARG A 1066 -3.43 -6.04 -3.58
N THR A 1067 -3.05 -5.06 -2.78
CA THR A 1067 -1.82 -4.27 -3.07
C THR A 1067 -1.43 -3.46 -1.85
N THR A 1068 -0.27 -2.82 -1.90
CA THR A 1068 0.16 -1.95 -0.80
C THR A 1068 0.44 -0.58 -1.40
N GLY A 1069 0.12 0.50 -0.68
CA GLY A 1069 0.32 1.86 -1.20
C GLY A 1069 0.94 2.76 -0.15
N GLN A 1070 1.25 4.01 -0.52
CA GLN A 1070 1.73 4.97 0.49
C GLN A 1070 0.57 5.89 0.86
N HIS A 1071 0.56 6.42 2.08
CA HIS A 1071 -0.48 7.41 2.46
C HIS A 1071 -0.24 8.62 1.55
N PRO A 1072 -1.24 9.46 1.26
CA PRO A 1072 -1.07 10.54 0.27
C PRO A 1072 0.11 11.47 0.58
N GLY A 1073 0.38 11.80 1.84
CA GLY A 1073 1.57 12.61 2.17
C GLY A 1073 2.14 12.36 3.55
N GLY A 1074 1.76 11.25 4.19
CA GLY A 1074 2.22 10.99 5.57
C GLY A 1074 3.66 10.51 5.63
N ILE A 1075 4.40 10.86 6.68
CA ILE A 1075 5.79 10.38 6.85
C ILE A 1075 5.92 9.94 8.32
N ILE A 1076 6.58 8.81 8.56
CA ILE A 1076 6.71 8.27 9.95
C ILE A 1076 8.16 8.43 10.39
N VAL A 1077 8.39 8.93 11.60
CA VAL A 1077 9.76 9.20 12.10
C VAL A 1077 10.05 8.26 13.28
N ILE A 1078 11.21 7.58 13.26
CA ILE A 1078 11.60 6.63 14.33
C ILE A 1078 12.60 7.32 15.23
N PRO A 1079 12.47 7.39 16.52
CA PRO A 1079 13.45 7.95 17.41
C PRO A 1079 14.88 7.45 17.18
N ASP A 1080 15.88 8.34 17.09
CA ASP A 1080 17.25 7.93 16.76
C ASP A 1080 17.85 6.98 17.78
N TYR A 1081 17.16 6.79 18.90
CA TYR A 1081 17.60 5.82 19.94
C TYR A 1081 16.88 4.48 19.74
N MET A 1082 16.23 4.30 18.60
CA MET A 1082 15.54 3.03 18.28
C MET A 1082 15.64 2.82 16.77
N ASP A 1083 15.47 1.59 16.29
CA ASP A 1083 15.50 1.32 14.82
C ASP A 1083 14.08 1.02 14.36
N VAL A 1084 13.84 1.13 13.05
CA VAL A 1084 12.48 0.88 12.50
C VAL A 1084 12.04 -0.53 12.87
N TYR A 1085 12.96 -1.49 12.89
CA TYR A 1085 12.59 -2.92 13.10
C TYR A 1085 11.98 -3.15 14.48
N ASP A 1086 12.14 -2.21 15.43
CA ASP A 1086 11.47 -2.36 16.75
C ASP A 1086 9.98 -2.08 16.58
N PHE A 1087 9.61 -1.45 15.47
CA PHE A 1087 8.22 -1.07 15.25
C PHE A 1087 7.60 -1.82 14.07
N THR A 1088 8.28 -1.93 12.95
CA THR A 1088 7.69 -2.49 11.75
C THR A 1088 8.79 -2.93 10.80
N PRO A 1089 8.51 -3.86 9.91
CA PRO A 1089 9.36 -4.04 8.73
C PRO A 1089 9.14 -2.90 7.76
N ILE A 1090 10.04 -2.80 6.79
CA ILE A 1090 9.95 -1.77 5.76
C ILE A 1090 9.85 -2.44 4.40
N GLN A 1091 9.50 -1.64 3.40
CA GLN A 1091 9.38 -2.14 2.04
C GLN A 1091 9.37 -0.96 1.09
N TYR A 1092 9.17 -1.26 -0.17
CA TYR A 1092 8.94 -0.23 -1.18
C TYR A 1092 7.48 -0.19 -1.55
N PRO A 1093 6.90 0.99 -1.71
CA PRO A 1093 5.47 1.06 -2.07
C PRO A 1093 5.21 0.35 -3.38
N ALA A 1094 4.20 -0.53 -3.38
CA ALA A 1094 3.86 -1.34 -4.54
C ALA A 1094 5.03 -2.22 -4.99
N ASP A 1095 5.97 -2.47 -4.09
CA ASP A 1095 7.15 -3.29 -4.39
C ASP A 1095 7.98 -2.72 -5.53
N ASP A 1096 7.93 -1.40 -5.69
CA ASP A 1096 8.71 -0.72 -6.73
C ASP A 1096 10.09 -0.42 -6.16
N GLN A 1097 11.10 -1.17 -6.63
CA GLN A 1097 12.45 -1.03 -6.09
C GLN A 1097 13.10 0.28 -6.52
N ASN A 1098 12.54 0.98 -7.49
CA ASN A 1098 13.04 2.29 -7.89
C ASN A 1098 12.49 3.42 -7.05
N SER A 1099 11.64 3.12 -6.08
CA SER A 1099 11.07 4.15 -5.21
C SER A 1099 12.16 4.87 -4.44
N GLU A 1100 12.05 6.19 -4.37
CA GLU A 1100 13.04 6.99 -3.65
C GLU A 1100 12.86 6.86 -2.14
N TRP A 1101 11.65 6.57 -1.69
CA TRP A 1101 11.34 6.44 -0.27
C TRP A 1101 10.94 5.01 0.05
N LYS A 1102 11.25 4.58 1.26
CA LYS A 1102 10.75 3.32 1.79
C LYS A 1102 9.53 3.58 2.65
N THR A 1103 8.55 2.70 2.55
CA THR A 1103 7.36 2.76 3.39
C THR A 1103 7.44 1.72 4.49
N THR A 1104 6.63 1.92 5.52
CA THR A 1104 6.53 0.96 6.60
C THR A 1104 5.71 -0.24 6.15
N HIS A 1105 6.16 -1.43 6.52
CA HIS A 1105 5.44 -2.65 6.16
C HIS A 1105 4.06 -2.68 6.81
N PHE A 1106 3.98 -2.32 8.09
CA PHE A 1106 2.70 -2.26 8.78
C PHE A 1106 1.89 -1.06 8.31
N ASP A 1107 0.60 -1.14 8.56
CA ASP A 1107 -0.28 0.02 8.29
C ASP A 1107 0.09 1.17 9.24
N PHE A 1108 -0.01 2.39 8.73
CA PHE A 1108 0.25 3.55 9.61
C PHE A 1108 -0.83 3.54 10.69
N HIS A 1109 -1.88 2.74 10.47
CA HIS A 1109 -3.02 2.74 11.41
C HIS A 1109 -2.69 1.91 12.66
N SER A 1110 -1.53 1.25 12.69
CA SER A 1110 -1.12 0.46 13.88
C SER A 1110 0.22 0.94 14.44
N ILE A 1111 0.92 1.81 13.70
CA ILE A 1111 2.24 2.34 14.17
C ILE A 1111 2.13 3.84 14.51
N HIS A 1112 0.96 4.45 14.36
CA HIS A 1112 0.84 5.93 14.56
C HIS A 1112 0.52 6.29 16.00
N ASP A 1113 0.29 5.31 16.86
CA ASP A 1113 0.08 5.61 18.30
C ASP A 1113 1.40 5.39 19.05
N ASN A 1114 2.50 5.12 18.34
CA ASN A 1114 3.79 4.82 18.99
C ASN A 1114 4.91 5.68 18.40
N VAL A 1115 4.85 6.04 17.12
CA VAL A 1115 5.82 6.91 16.48
C VAL A 1115 5.07 8.07 15.85
N LEU A 1116 5.77 9.18 15.66
CA LEU A 1116 5.09 10.39 15.14
C LEU A 1116 4.79 10.23 13.65
N LYS A 1117 3.54 10.44 13.27
CA LYS A 1117 3.18 10.43 11.83
C LYS A 1117 3.03 11.89 11.43
N LEU A 1118 3.95 12.42 10.63
CA LEU A 1118 3.91 13.83 10.21
C LEU A 1118 3.15 13.91 8.88
N ASP A 1119 2.00 14.57 8.86
CA ASP A 1119 1.19 14.70 7.61
C ASP A 1119 1.63 15.95 6.85
N ILE A 1120 2.59 15.82 5.95
CA ILE A 1120 2.98 16.96 5.09
C ILE A 1120 2.14 16.82 3.83
N LEU A 1121 0.87 17.19 3.90
CA LEU A 1121 -0.03 16.96 2.73
C LEU A 1121 0.25 17.97 1.64
N GLY A 1122 -0.18 17.67 0.41
CA GLY A 1122 -0.04 18.64 -0.67
C GLY A 1122 -1.40 19.16 -1.04
N HIS A 1123 -1.52 20.46 -1.22
CA HIS A 1123 -2.80 21.08 -1.58
C HIS A 1123 -2.49 22.06 -2.67
N ASP A 1124 -3.42 22.25 -3.57
CA ASP A 1124 -3.29 23.19 -4.68
C ASP A 1124 -3.42 24.64 -4.25
N ASP A 1125 -3.97 24.90 -3.06
CA ASP A 1125 -4.17 26.28 -2.64
C ASP A 1125 -2.86 27.02 -2.44
N PRO A 1126 -1.90 26.48 -1.68
CA PRO A 1126 -0.62 27.15 -1.58
C PRO A 1126 0.05 27.32 -2.95
N THR A 1127 -0.09 26.39 -3.91
CA THR A 1127 0.44 26.54 -5.26
C THR A 1127 -0.22 27.71 -5.98
N VAL A 1128 -1.51 27.94 -5.75
CA VAL A 1128 -2.20 29.09 -6.39
C VAL A 1128 -1.71 30.41 -5.79
N ILE A 1129 -1.66 30.53 -4.45
CA ILE A 1129 -1.30 31.84 -3.84
C ILE A 1129 0.11 32.24 -4.27
N ARG A 1130 1.05 31.29 -4.29
CA ARG A 1130 2.45 31.65 -4.62
C ARG A 1130 2.53 32.17 -6.05
N MET A 1131 1.80 31.55 -6.98
CA MET A 1131 1.90 31.99 -8.39
C MET A 1131 1.25 33.37 -8.46
N LEU A 1132 0.10 33.53 -7.80
CA LEU A 1132 -0.47 34.87 -7.76
C LEU A 1132 0.52 35.90 -7.25
N GLN A 1133 1.40 35.52 -6.16
CA GLN A 1133 2.44 36.43 -5.68
C GLN A 1133 3.50 36.66 -6.76
N ASP A 1134 3.97 35.61 -7.43
CA ASP A 1134 4.94 35.77 -8.51
C ASP A 1134 4.41 36.71 -9.59
N LEU A 1135 3.02 36.58 -9.94
CA LEU A 1135 2.44 37.34 -11.04
C LEU A 1135 2.15 38.79 -10.67
N SER A 1136 2.06 38.97 -9.42
CA SER A 1136 1.66 40.30 -8.98
C SER A 1136 2.61 40.93 -7.99
N GLY A 1137 3.55 40.19 -7.41
CA GLY A 1137 4.46 40.74 -6.42
C GLY A 1137 3.86 40.94 -5.05
N ILE A 1138 2.42 41.08 -5.05
CA ILE A 1138 1.83 41.39 -3.72
C ILE A 1138 2.24 40.28 -2.77
N ASP A 1139 2.91 40.62 -1.68
CA ASP A 1139 3.26 39.57 -0.67
C ASP A 1139 1.94 39.01 -0.16
N PRO A 1140 1.69 37.70 -0.05
CA PRO A 1140 0.39 37.14 0.33
C PRO A 1140 -0.09 37.68 1.67
N GLN A 1141 0.80 37.80 2.66
CA GLN A 1141 0.38 38.23 4.02
C GLN A 1141 -0.15 39.67 3.99
N THR A 1142 0.45 40.55 3.18
CA THR A 1142 0.04 41.98 3.13
C THR A 1142 -1.44 42.09 2.72
N ILE A 1143 -1.95 41.14 1.96
CA ILE A 1143 -3.35 41.21 1.45
C ILE A 1143 -4.29 41.37 2.65
N PRO A 1144 -5.31 42.24 2.58
CA PRO A 1144 -6.27 42.42 3.67
C PRO A 1144 -7.48 41.49 3.52
N THR A 1145 -7.81 40.74 4.58
CA THR A 1145 -8.92 39.77 4.53
C THR A 1145 -10.19 40.46 5.02
N ASP A 1146 -10.10 41.76 5.31
CA ASP A 1146 -11.26 42.53 5.83
C ASP A 1146 -11.71 43.50 4.75
N ASP A 1147 -11.49 43.14 3.48
CA ASP A 1147 -11.83 44.04 2.35
C ASP A 1147 -13.34 44.23 2.30
N PRO A 1148 -13.85 45.38 1.81
CA PRO A 1148 -15.28 45.64 1.77
C PRO A 1148 -15.91 45.29 0.41
N GLU A 1149 -15.27 44.39 -0.36
CA GLU A 1149 -15.85 43.95 -1.66
C GLU A 1149 -15.85 42.42 -1.79
N VAL A 1150 -15.10 41.70 -0.95
CA VAL A 1150 -15.15 40.20 -0.97
C VAL A 1150 -16.50 39.74 -0.39
N MET A 1151 -17.02 40.50 0.56
CA MET A 1151 -18.37 40.17 1.07
C MET A 1151 -19.35 40.36 -0.10
N ARG A 1152 -19.07 41.37 -0.94
CA ARG A 1152 -19.89 41.59 -2.16
C ARG A 1152 -19.77 40.39 -3.09
N ILE A 1153 -18.57 39.86 -3.25
CA ILE A 1153 -18.35 38.69 -4.16
C ILE A 1153 -19.33 37.59 -3.75
N PHE A 1154 -19.52 37.39 -2.44
CA PHE A 1154 -20.41 36.33 -1.94
C PHE A 1154 -21.89 36.75 -2.01
N ALA A 1155 -22.21 38.04 -1.99
CA ALA A 1155 -23.62 38.45 -2.12
C ALA A 1155 -24.08 38.31 -3.57
N GLY A 1156 -23.28 38.77 -4.55
CA GLY A 1156 -23.72 38.77 -5.96
C GLY A 1156 -22.59 39.09 -6.92
N PRO A 1157 -22.78 39.02 -8.26
CA PRO A 1157 -21.69 39.23 -9.20
C PRO A 1157 -21.59 40.68 -9.69
N GLU A 1158 -22.47 41.56 -9.19
CA GLU A 1158 -22.48 42.96 -9.66
C GLU A 1158 -21.14 43.63 -9.34
N VAL A 1159 -20.44 43.11 -8.30
CA VAL A 1159 -19.10 43.65 -7.96
C VAL A 1159 -18.13 43.28 -9.06
N LEU A 1160 -18.25 42.05 -9.58
CA LEU A 1160 -17.30 41.56 -10.61
C LEU A 1160 -17.47 42.34 -11.91
N GLY A 1161 -18.66 42.91 -12.15
CA GLY A 1161 -18.92 43.61 -13.43
C GLY A 1161 -19.61 42.69 -14.41
N VAL A 1162 -20.19 41.47 -13.94
CA VAL A 1162 -20.88 40.48 -14.82
C VAL A 1162 -22.26 40.18 -14.22
N SER A 1163 -23.23 39.83 -15.06
CA SER A 1163 -24.62 39.60 -14.56
C SER A 1163 -24.84 38.11 -14.25
N GLN A 1164 -25.73 37.82 -13.30
CA GLN A 1164 -26.03 36.41 -12.94
C GLN A 1164 -26.40 35.65 -14.21
N GLU A 1165 -27.17 36.29 -15.09
CA GLU A 1165 -27.59 35.63 -16.36
C GLU A 1165 -26.36 35.22 -17.14
N GLN A 1166 -25.36 36.11 -17.20
CA GLN A 1166 -24.16 35.82 -18.01
C GLN A 1166 -23.30 34.74 -17.32
N ILE A 1167 -22.82 34.88 -16.09
CA ILE A 1167 -21.89 33.93 -15.42
C ILE A 1167 -22.68 32.65 -15.09
N TYR A 1168 -24.02 32.57 -15.19
CA TYR A 1168 -24.86 31.39 -14.92
C TYR A 1168 -24.69 31.00 -13.45
N SER A 1169 -24.42 31.81 -12.52
CA SER A 1169 -24.34 31.55 -11.07
C SER A 1169 -24.83 32.76 -10.29
N LYS A 1170 -25.54 32.56 -9.18
CA LYS A 1170 -25.92 33.73 -8.35
C LYS A 1170 -24.66 34.42 -7.82
N THR A 1171 -23.76 33.69 -7.15
CA THR A 1171 -22.56 34.30 -6.52
C THR A 1171 -21.37 34.31 -7.47
N GLY A 1172 -20.56 35.38 -7.45
CA GLY A 1172 -19.35 35.42 -8.27
C GLY A 1172 -18.22 34.72 -7.55
N THR A 1173 -18.50 33.55 -6.99
CA THR A 1173 -17.48 32.80 -6.21
C THR A 1173 -17.01 31.56 -6.97
N LEU A 1174 -17.31 31.50 -8.28
CA LEU A 1174 -16.89 30.34 -9.11
C LEU A 1174 -15.38 30.18 -9.02
N GLY A 1175 -14.86 29.09 -8.44
CA GLY A 1175 -13.39 28.93 -8.45
C GLY A 1175 -12.74 29.50 -7.22
N ILE A 1176 -13.52 29.98 -6.26
CA ILE A 1176 -12.90 30.43 -4.98
C ILE A 1176 -12.83 29.18 -4.12
N PRO A 1177 -11.66 28.83 -3.55
CA PRO A 1177 -11.52 27.56 -2.86
C PRO A 1177 -12.66 27.26 -1.89
N GLU A 1178 -13.36 26.15 -2.08
CA GLU A 1178 -14.42 25.72 -1.12
C GLU A 1178 -15.70 26.56 -1.27
N PHE A 1179 -15.75 27.45 -2.26
CA PHE A 1179 -16.93 28.35 -2.38
C PHE A 1179 -17.45 28.40 -3.83
N GLY A 1180 -17.19 27.37 -4.62
CA GLY A 1180 -17.65 27.35 -6.03
C GLY A 1180 -18.41 26.08 -6.40
N THR A 1181 -18.63 25.19 -5.44
CA THR A 1181 -19.42 23.96 -5.72
C THR A 1181 -20.87 24.42 -5.87
N ARG A 1182 -21.65 23.79 -6.74
CA ARG A 1182 -23.02 24.31 -6.94
C ARG A 1182 -23.76 24.32 -5.60
N PHE A 1183 -23.59 23.26 -4.80
CA PHE A 1183 -24.37 23.17 -3.54
C PHE A 1183 -24.03 24.36 -2.64
N VAL A 1184 -22.74 24.60 -2.42
CA VAL A 1184 -22.31 25.68 -1.50
C VAL A 1184 -22.71 27.02 -2.10
N ARG A 1185 -22.65 27.16 -3.44
CA ARG A 1185 -22.98 28.43 -4.13
C ARG A 1185 -24.46 28.75 -3.91
N GLY A 1186 -25.32 27.74 -3.98
CA GLY A 1186 -26.75 27.94 -3.69
C GLY A 1186 -26.90 28.32 -2.24
N MET A 1187 -26.16 27.67 -1.35
CA MET A 1187 -26.20 28.03 0.10
C MET A 1187 -25.89 29.52 0.27
N LEU A 1188 -24.88 30.03 -0.43
CA LEU A 1188 -24.55 31.48 -0.34
C LEU A 1188 -25.71 32.28 -0.93
N GLU A 1189 -26.16 31.93 -2.13
CA GLU A 1189 -27.24 32.71 -2.80
C GLU A 1189 -28.42 32.79 -1.83
N GLU A 1190 -28.71 31.69 -1.15
CA GLU A 1190 -29.85 31.65 -0.21
C GLU A 1190 -29.62 32.54 1.01
N THR A 1191 -28.43 32.52 1.63
CA THR A 1191 -28.23 33.23 2.92
C THR A 1191 -27.49 34.57 2.76
N HIS A 1192 -26.87 34.83 1.61
CA HIS A 1192 -26.24 36.16 1.38
C HIS A 1192 -25.35 36.56 2.57
N PRO A 1193 -24.32 35.76 2.96
CA PRO A 1193 -23.40 36.15 4.03
C PRO A 1193 -22.48 37.31 3.62
N THR A 1194 -22.15 38.20 4.56
CA THR A 1194 -21.26 39.36 4.28
C THR A 1194 -20.29 39.63 5.44
N THR A 1195 -19.87 38.59 6.16
CA THR A 1195 -18.86 38.74 7.26
C THR A 1195 -17.98 37.48 7.33
N PHE A 1196 -16.80 37.60 7.94
CA PHE A 1196 -15.86 36.45 8.02
C PHE A 1196 -16.51 35.33 8.83
N ALA A 1197 -17.19 35.68 9.90
CA ALA A 1197 -17.86 34.67 10.75
C ALA A 1197 -18.94 33.96 9.93
N GLU A 1198 -19.70 34.72 9.14
CA GLU A 1198 -20.76 34.12 8.28
C GLU A 1198 -20.12 33.15 7.27
N LEU A 1199 -18.97 33.53 6.71
CA LEU A 1199 -18.26 32.63 5.76
C LEU A 1199 -17.78 31.36 6.48
N LEU A 1200 -17.31 31.48 7.72
CA LEU A 1200 -16.91 30.28 8.51
C LEU A 1200 -18.14 29.39 8.73
N GLN A 1201 -19.28 30.01 9.02
CA GLN A 1201 -20.53 29.24 9.23
C GLN A 1201 -20.87 28.49 7.94
N ILE A 1202 -20.72 29.16 6.79
CA ILE A 1202 -20.98 28.50 5.49
C ILE A 1202 -20.06 27.30 5.34
N SER A 1203 -18.77 27.45 5.66
CA SER A 1203 -17.82 26.33 5.48
C SER A 1203 -18.22 25.16 6.38
N GLY A 1204 -18.62 25.48 7.62
CA GLY A 1204 -19.03 24.42 8.56
C GLY A 1204 -20.26 23.69 8.08
N LEU A 1205 -21.23 24.44 7.54
CA LEU A 1205 -22.50 23.85 7.06
C LEU A 1205 -22.16 22.93 5.89
N SER A 1206 -21.17 23.34 5.10
CA SER A 1206 -20.73 22.50 3.96
C SER A 1206 -19.98 21.22 4.38
N HIS A 1207 -19.19 21.23 5.44
CA HIS A 1207 -18.41 19.99 5.69
C HIS A 1207 -18.99 19.22 6.88
N GLY A 1208 -20.25 19.48 7.23
CA GLY A 1208 -20.90 18.76 8.33
C GLY A 1208 -22.08 17.96 7.82
N THR A 1209 -22.25 16.74 8.29
CA THR A 1209 -23.36 15.86 7.84
C THR A 1209 -24.62 16.13 8.66
N ASP A 1210 -25.71 16.59 8.01
CA ASP A 1210 -27.01 16.78 8.69
C ASP A 1210 -27.03 18.11 9.45
N VAL A 1211 -25.92 18.85 9.42
CA VAL A 1211 -25.86 20.17 10.12
C VAL A 1211 -26.63 21.19 9.30
N TRP A 1212 -26.99 20.86 8.05
CA TRP A 1212 -27.60 21.91 7.19
C TRP A 1212 -28.84 21.44 6.42
N LEU A 1213 -28.68 20.46 5.52
CA LEU A 1213 -29.83 20.13 4.62
C LEU A 1213 -31.12 19.88 5.40
N GLY A 1214 -31.04 19.19 6.54
CA GLY A 1214 -32.23 19.04 7.38
C GLY A 1214 -32.13 19.82 8.68
N ASN A 1215 -31.24 20.83 8.72
CA ASN A 1215 -31.02 21.57 10.00
C ASN A 1215 -31.08 23.08 9.84
N ALA A 1216 -29.95 23.73 9.47
CA ALA A 1216 -29.90 25.21 9.43
C ALA A 1216 -30.31 25.79 8.08
N GLU A 1217 -30.82 24.96 7.16
CA GLU A 1217 -31.24 25.43 5.82
C GLU A 1217 -32.69 25.83 5.99
N GLU A 1218 -33.42 25.09 6.83
CA GLU A 1218 -34.85 25.37 7.06
C GLU A 1218 -35.00 26.37 8.20
N LEU A 1219 -34.07 26.37 9.16
CA LEU A 1219 -34.15 27.40 10.25
C LEU A 1219 -33.89 28.79 9.68
N ILE A 1220 -33.22 28.89 8.54
CA ILE A 1220 -32.84 30.17 7.88
C ILE A 1220 -33.95 30.58 6.91
N ARG A 1221 -34.44 29.64 6.10
CA ARG A 1221 -35.53 29.95 5.12
C ARG A 1221 -36.80 30.29 5.90
N ARG A 1222 -37.07 29.57 6.98
CA ARG A 1222 -38.31 29.82 7.78
C ARG A 1222 -38.17 31.14 8.54
N GLY A 1223 -36.94 31.66 8.65
CA GLY A 1223 -36.71 32.96 9.32
C GLY A 1223 -36.51 32.83 10.83
N ASP A 1224 -36.45 31.62 11.35
CA ASP A 1224 -36.27 31.40 12.81
C ASP A 1224 -34.90 31.91 13.27
N ALA A 1225 -33.84 31.62 12.50
CA ALA A 1225 -32.47 31.99 12.95
C ALA A 1225 -31.65 32.54 11.79
N THR A 1226 -30.67 33.39 12.08
CA THR A 1226 -29.79 33.97 11.02
C THR A 1226 -28.70 32.96 10.65
N LEU A 1227 -27.87 33.27 9.65
CA LEU A 1227 -26.74 32.37 9.30
C LEU A 1227 -25.76 32.35 10.48
N ALA A 1228 -25.55 33.50 11.11
CA ALA A 1228 -24.60 33.58 12.24
C ALA A 1228 -25.08 32.71 13.42
N GLU A 1229 -26.37 32.69 13.70
CA GLU A 1229 -26.90 31.94 14.87
C GLU A 1229 -26.81 30.42 14.67
N VAL A 1230 -27.05 29.91 13.46
CA VAL A 1230 -27.12 28.44 13.25
C VAL A 1230 -25.79 27.79 13.66
N ILE A 1231 -25.83 26.51 14.04
CA ILE A 1231 -24.59 25.78 14.43
C ILE A 1231 -23.83 25.36 13.16
N GLY A 1232 -22.55 25.73 13.05
CA GLY A 1232 -21.75 25.42 11.84
C GLY A 1232 -20.50 24.61 12.12
N CYS A 1233 -19.92 24.77 13.34
CA CYS A 1233 -18.70 24.02 13.76
C CYS A 1233 -18.81 23.60 15.24
N ARG A 1234 -18.05 22.58 15.65
CA ARG A 1234 -18.13 22.04 17.04
C ARG A 1234 -17.59 23.06 18.04
N ASP A 1235 -16.52 23.75 17.65
CA ASP A 1235 -15.95 24.78 18.55
C ASP A 1235 -17.00 25.87 18.71
N ASP A 1236 -17.74 26.19 17.65
CA ASP A 1236 -18.83 27.19 17.74
C ASP A 1236 -19.86 26.69 18.74
N ILE A 1237 -20.23 25.42 18.64
CA ILE A 1237 -21.18 24.89 19.67
C ILE A 1237 -20.60 25.18 21.06
N MET A 1238 -19.33 24.82 21.29
CA MET A 1238 -18.77 24.98 22.66
C MET A 1238 -18.79 26.45 23.08
N VAL A 1239 -18.36 27.35 22.21
CA VAL A 1239 -18.25 28.79 22.58
C VAL A 1239 -19.66 29.31 22.91
N TYR A 1240 -20.65 28.98 22.09
CA TYR A 1240 -21.99 29.54 22.35
C TYR A 1240 -22.47 29.01 23.71
N LEU A 1241 -22.26 27.72 23.95
CA LEU A 1241 -22.76 27.14 25.22
C LEU A 1241 -22.05 27.82 26.41
N ILE A 1242 -20.80 28.25 26.22
CA ILE A 1242 -20.05 28.97 27.30
C ILE A 1242 -20.28 30.48 27.16
N HIS A 1243 -20.65 30.96 25.97
CA HIS A 1243 -21.02 32.40 25.87
C HIS A 1243 -22.22 32.51 26.80
N ALA A 1244 -23.10 31.50 26.76
CA ALA A 1244 -24.18 31.45 27.75
C ALA A 1244 -23.52 30.99 29.05
N GLY A 1245 -24.20 31.04 30.18
CA GLY A 1245 -23.56 30.75 31.48
C GLY A 1245 -23.00 29.35 31.63
N LEU A 1246 -23.31 28.41 30.73
CA LEU A 1246 -22.88 27.00 30.94
C LEU A 1246 -21.37 26.97 31.27
N ASP A 1247 -20.97 26.12 32.21
CA ASP A 1247 -19.53 25.98 32.57
C ASP A 1247 -18.77 25.40 31.37
N SER A 1248 -17.48 25.74 31.24
CA SER A 1248 -16.68 25.28 30.08
C SER A 1248 -16.65 23.75 30.03
N GLY A 1249 -16.49 23.10 31.18
CA GLY A 1249 -16.39 21.62 31.17
C GLY A 1249 -17.64 20.99 30.60
N MET A 1250 -18.81 21.46 31.03
CA MET A 1250 -20.08 20.83 30.56
C MET A 1250 -20.16 21.01 29.05
N ALA A 1251 -19.84 22.22 28.55
CA ALA A 1251 -19.98 22.48 27.10
C ALA A 1251 -19.03 21.55 26.33
N PHE A 1252 -17.75 21.57 26.70
CA PHE A 1252 -16.83 20.62 26.03
C PHE A 1252 -17.57 19.30 25.93
N LYS A 1253 -18.17 18.84 27.03
CA LYS A 1253 -18.82 17.51 26.95
C LYS A 1253 -19.93 17.60 25.90
N ILE A 1254 -20.74 18.66 25.95
CA ILE A 1254 -21.90 18.78 25.02
C ILE A 1254 -21.37 18.88 23.59
N MET A 1255 -20.29 19.65 23.39
CA MET A 1255 -19.74 19.85 22.03
C MET A 1255 -19.31 18.48 21.51
N GLU A 1256 -18.59 17.70 22.32
CA GLU A 1256 -18.07 16.40 21.86
C GLU A 1256 -19.25 15.51 21.52
N THR A 1257 -20.27 15.52 22.37
CA THR A 1257 -21.43 14.64 22.12
C THR A 1257 -22.03 15.01 20.77
N VAL A 1258 -22.26 16.31 20.51
CA VAL A 1258 -22.94 16.69 19.24
C VAL A 1258 -22.02 16.37 18.06
N ARG A 1259 -20.71 16.60 18.21
CA ARG A 1259 -19.73 16.40 17.12
C ARG A 1259 -19.76 14.92 16.73
N LYS A 1260 -19.82 14.01 17.70
CA LYS A 1260 -19.70 12.57 17.38
C LYS A 1260 -21.05 11.96 17.01
N GLY A 1261 -22.04 12.80 16.70
CA GLY A 1261 -23.35 12.28 16.26
C GLY A 1261 -23.87 11.26 17.25
N GLN A 1262 -23.74 11.55 18.55
CA GLN A 1262 -24.11 10.54 19.56
C GLN A 1262 -25.15 11.14 20.52
N TRP A 1263 -25.64 12.34 20.22
CA TRP A 1263 -26.57 13.00 21.17
C TRP A 1263 -27.78 12.10 21.36
N ASN A 1264 -28.29 11.52 20.26
CA ASN A 1264 -29.42 10.56 20.37
C ASN A 1264 -28.93 9.34 21.13
N LYS A 1265 -27.71 8.87 20.85
CA LYS A 1265 -27.16 7.66 21.50
C LYS A 1265 -26.99 7.87 23.01
N ILE A 1266 -26.61 9.07 23.46
CA ILE A 1266 -26.31 9.27 24.91
C ILE A 1266 -27.55 8.87 25.72
N PRO A 1267 -27.38 8.22 26.90
CA PRO A 1267 -28.51 7.85 27.74
C PRO A 1267 -29.21 9.10 28.28
N ASP A 1268 -30.51 8.93 28.53
CA ASP A 1268 -31.34 10.05 29.02
C ASP A 1268 -30.70 10.70 30.25
N GLU A 1269 -30.00 9.99 31.13
CA GLU A 1269 -29.48 10.72 32.31
C GLU A 1269 -28.50 11.82 31.84
N LEU A 1270 -27.56 11.45 30.97
CA LEU A 1270 -26.58 12.43 30.43
C LEU A 1270 -27.34 13.47 29.60
N ARG A 1271 -28.30 13.01 28.80
CA ARG A 1271 -28.94 14.01 27.91
C ARG A 1271 -29.62 15.03 28.80
N GLU A 1272 -30.21 14.60 29.91
CA GLU A 1272 -30.96 15.47 30.85
C GLU A 1272 -29.99 16.43 31.53
N THR A 1273 -28.83 15.95 31.96
CA THR A 1273 -27.88 16.93 32.54
C THR A 1273 -27.63 18.00 31.47
N TYR A 1274 -27.35 17.57 30.23
CA TYR A 1274 -26.99 18.60 29.21
C TYR A 1274 -28.17 19.55 29.02
N LEU A 1275 -29.38 19.01 28.91
CA LEU A 1275 -30.58 19.84 28.62
C LEU A 1275 -30.79 20.84 29.74
N SER A 1276 -30.69 20.38 30.99
CA SER A 1276 -30.95 21.26 32.15
C SER A 1276 -29.91 22.38 32.09
N ALA A 1277 -28.65 22.03 31.88
CA ALA A 1277 -27.64 23.11 31.92
C ALA A 1277 -27.98 24.12 30.81
N MET A 1278 -28.28 23.62 29.61
CA MET A 1278 -28.51 24.53 28.47
C MET A 1278 -29.71 25.44 28.77
N LYS A 1279 -30.79 24.88 29.31
CA LYS A 1279 -32.03 25.66 29.58
C LYS A 1279 -31.75 26.71 30.66
N GLU A 1280 -31.02 26.31 31.70
CA GLU A 1280 -30.72 27.24 32.81
C GLU A 1280 -29.93 28.40 32.21
N ASN A 1281 -29.06 28.13 31.23
CA ASN A 1281 -28.35 29.25 30.56
C ASN A 1281 -29.25 29.82 29.46
N ASN A 1282 -30.54 29.48 29.47
CA ASN A 1282 -31.50 30.06 28.48
C ASN A 1282 -31.08 29.73 27.03
N VAL A 1283 -30.88 28.45 26.70
CA VAL A 1283 -30.53 28.04 25.31
C VAL A 1283 -31.79 28.01 24.44
N PRO A 1284 -31.85 28.71 23.28
CA PRO A 1284 -33.06 28.75 22.46
C PRO A 1284 -33.51 27.31 22.14
N ASP A 1285 -34.81 27.06 22.13
CA ASP A 1285 -35.34 25.68 21.95
C ASP A 1285 -34.88 25.09 20.62
N TRP A 1286 -34.81 25.92 19.59
CA TRP A 1286 -34.39 25.42 18.26
C TRP A 1286 -32.98 24.85 18.37
N TYR A 1287 -32.15 25.41 19.26
CA TYR A 1287 -30.74 24.96 19.33
C TYR A 1287 -30.69 23.47 19.67
N ILE A 1288 -31.45 23.04 20.68
CA ILE A 1288 -31.41 21.62 21.11
C ILE A 1288 -31.88 20.76 19.94
N ASP A 1289 -32.92 21.21 19.25
CA ASP A 1289 -33.47 20.43 18.11
C ASP A 1289 -32.37 20.33 17.04
N SER A 1290 -31.68 21.45 16.80
CA SER A 1290 -30.59 21.47 15.79
C SER A 1290 -29.51 20.48 16.18
N CYS A 1291 -29.18 20.43 17.47
CA CYS A 1291 -28.11 19.52 17.95
C CYS A 1291 -28.49 18.06 17.67
N SER A 1292 -29.76 17.71 17.87
CA SER A 1292 -30.17 16.28 17.78
C SER A 1292 -29.96 15.71 16.38
N LYS A 1293 -30.05 16.54 15.34
CA LYS A 1293 -29.97 16.01 13.97
C LYS A 1293 -28.53 16.06 13.44
N ILE A 1294 -27.57 16.54 14.23
CA ILE A 1294 -26.18 16.72 13.68
C ILE A 1294 -25.45 15.37 13.69
N LYS A 1295 -24.63 15.11 12.67
CA LYS A 1295 -23.87 13.83 12.57
C LYS A 1295 -22.38 14.11 12.78
N TYR A 1296 -21.70 14.65 11.76
CA TYR A 1296 -20.26 15.04 11.91
C TYR A 1296 -20.13 16.54 11.69
N MET A 1297 -19.47 17.24 12.60
CA MET A 1297 -19.34 18.72 12.50
C MET A 1297 -17.89 19.08 12.20
N PHE A 1298 -17.67 19.91 11.18
CA PHE A 1298 -16.29 20.33 10.77
C PHE A 1298 -15.63 21.15 11.89
N PRO A 1299 -14.29 21.09 12.05
CA PRO A 1299 -13.57 21.90 13.04
C PRO A 1299 -13.52 23.38 12.65
N LYS A 1300 -13.68 24.29 13.60
CA LYS A 1300 -13.72 25.75 13.30
C LYS A 1300 -12.39 26.24 12.74
N ALA A 1301 -11.25 25.67 13.15
CA ALA A 1301 -9.93 26.20 12.70
C ALA A 1301 -9.68 25.90 11.21
N HIS A 1302 -9.99 24.68 10.77
CA HIS A 1302 -9.83 24.33 9.32
C HIS A 1302 -10.72 25.25 8.51
N ALA A 1303 -11.90 25.55 9.05
CA ALA A 1303 -12.86 26.43 8.36
C ALA A 1303 -12.23 27.80 8.18
N ALA A 1304 -11.61 28.34 9.23
CA ALA A 1304 -10.96 29.66 9.16
C ALA A 1304 -9.80 29.61 8.16
N ALA A 1305 -9.04 28.52 8.13
CA ALA A 1305 -7.98 28.43 7.10
C ALA A 1305 -8.60 28.53 5.70
N TYR A 1306 -9.66 27.77 5.48
CA TYR A 1306 -10.31 27.77 4.15
C TYR A 1306 -10.74 29.19 3.83
N VAL A 1307 -11.36 29.87 4.80
CA VAL A 1307 -11.91 31.23 4.54
C VAL A 1307 -10.77 32.22 4.26
N LEU A 1308 -9.66 32.16 4.98
CA LEU A 1308 -8.52 33.07 4.67
C LEU A 1308 -8.01 32.79 3.26
N MET A 1309 -7.84 31.51 2.90
CA MET A 1309 -7.29 31.30 1.54
C MET A 1309 -8.29 31.87 0.54
N ALA A 1310 -9.58 31.66 0.80
CA ALA A 1310 -10.63 32.11 -0.13
C ALA A 1310 -10.52 33.62 -0.26
N LEU A 1311 -10.40 34.34 0.84
CA LEU A 1311 -10.34 35.83 0.81
C LEU A 1311 -9.10 36.31 0.06
N ARG A 1312 -7.93 35.67 0.25
CA ARG A 1312 -6.78 36.14 -0.57
C ARG A 1312 -7.05 35.90 -2.07
N VAL A 1313 -7.55 34.72 -2.42
CA VAL A 1313 -7.71 34.48 -3.87
C VAL A 1313 -8.79 35.44 -4.39
N ALA A 1314 -9.72 35.85 -3.53
CA ALA A 1314 -10.82 36.76 -3.93
C ALA A 1314 -10.26 38.16 -4.15
N TYR A 1315 -9.34 38.59 -3.30
CA TYR A 1315 -8.69 39.91 -3.49
C TYR A 1315 -8.26 40.02 -4.95
N PHE A 1316 -7.54 39.00 -5.44
CA PHE A 1316 -7.03 39.04 -6.83
C PHE A 1316 -8.20 38.95 -7.82
N LYS A 1317 -9.19 38.11 -7.55
CA LYS A 1317 -10.30 37.95 -8.51
C LYS A 1317 -11.02 39.30 -8.62
N VAL A 1318 -11.30 39.93 -7.49
CA VAL A 1318 -12.01 41.23 -7.46
C VAL A 1318 -11.10 42.35 -7.97
N TYR A 1319 -9.82 42.35 -7.61
CA TYR A 1319 -8.94 43.50 -7.95
C TYR A 1319 -8.08 43.28 -9.20
N PHE A 1320 -7.43 42.12 -9.34
CA PHE A 1320 -6.53 41.89 -10.49
C PHE A 1320 -7.01 40.63 -11.21
N PRO A 1321 -8.09 40.71 -12.01
CA PRO A 1321 -8.68 39.50 -12.61
C PRO A 1321 -7.80 38.66 -13.53
N ILE A 1322 -7.00 39.29 -14.39
CA ILE A 1322 -6.21 38.46 -15.36
C ILE A 1322 -5.27 37.57 -14.54
N LEU A 1323 -4.61 38.13 -13.52
CA LEU A 1323 -3.64 37.34 -12.72
C LEU A 1323 -4.39 36.20 -12.02
N TYR A 1324 -5.54 36.50 -11.41
CA TYR A 1324 -6.26 35.43 -10.69
C TYR A 1324 -6.58 34.32 -11.68
N TYR A 1325 -7.05 34.69 -12.87
CA TYR A 1325 -7.49 33.66 -13.84
C TYR A 1325 -6.29 32.82 -14.28
N CYS A 1326 -5.16 33.47 -14.55
CA CYS A 1326 -3.95 32.71 -14.96
C CYS A 1326 -3.63 31.73 -13.85
N ALA A 1327 -3.58 32.19 -12.60
CA ALA A 1327 -3.15 31.23 -11.56
C ALA A 1327 -4.14 30.09 -11.51
N TYR A 1328 -5.44 30.39 -11.45
CA TYR A 1328 -6.39 29.28 -11.27
C TYR A 1328 -6.18 28.27 -12.39
N PHE A 1329 -6.18 28.72 -13.65
CA PHE A 1329 -6.12 27.69 -14.72
C PHE A 1329 -4.80 26.91 -14.62
N SER A 1330 -3.68 27.63 -14.58
CA SER A 1330 -2.36 26.95 -14.63
C SER A 1330 -2.21 25.96 -13.47
N VAL A 1331 -2.83 26.21 -12.33
CA VAL A 1331 -2.55 25.30 -11.18
C VAL A 1331 -3.63 24.23 -10.97
N ARG A 1332 -4.89 24.60 -11.22
CA ARG A 1332 -6.01 23.67 -10.92
C ARG A 1332 -6.56 23.07 -12.20
N ALA A 1333 -6.84 23.90 -13.21
CA ALA A 1333 -7.46 23.38 -14.44
C ALA A 1333 -6.53 22.39 -15.12
N ASP A 1334 -7.03 21.18 -15.43
CA ASP A 1334 -6.22 20.15 -16.13
C ASP A 1334 -6.92 19.73 -17.43
N ASP A 1335 -8.24 19.93 -17.50
CA ASP A 1335 -9.01 19.54 -18.72
C ASP A 1335 -9.55 20.80 -19.40
N PHE A 1336 -8.98 21.16 -20.56
CA PHE A 1336 -9.45 22.36 -21.29
C PHE A 1336 -9.98 21.93 -22.66
N ASP A 1337 -11.21 22.33 -22.98
CA ASP A 1337 -11.69 22.17 -24.36
C ASP A 1337 -11.05 23.40 -25.00
N LEU A 1338 -9.75 23.33 -25.22
CA LEU A 1338 -9.03 24.53 -25.70
C LEU A 1338 -9.77 25.18 -26.86
N VAL A 1339 -10.15 24.42 -27.88
CA VAL A 1339 -10.75 25.08 -29.08
C VAL A 1339 -11.99 25.86 -28.65
N SER A 1340 -12.84 25.24 -27.83
CA SER A 1340 -14.10 25.91 -27.43
C SER A 1340 -13.81 27.18 -26.65
N MET A 1341 -12.88 27.10 -25.69
CA MET A 1341 -12.59 28.27 -24.83
C MET A 1341 -12.02 29.40 -25.71
N CYS A 1342 -11.19 29.05 -26.68
CA CYS A 1342 -10.55 30.09 -27.51
C CYS A 1342 -11.59 30.70 -28.46
N LYS A 1343 -12.64 29.96 -28.80
CA LYS A 1343 -13.62 30.45 -29.80
C LYS A 1343 -14.32 31.71 -29.29
N GLY A 1344 -14.76 31.70 -28.03
CA GLY A 1344 -15.52 32.85 -27.47
C GLY A 1344 -16.50 32.39 -26.40
N LYS A 1345 -17.57 33.16 -26.18
CA LYS A 1345 -18.60 32.77 -25.19
C LYS A 1345 -19.51 31.69 -25.79
N ASP A 1346 -20.03 31.92 -27.00
CA ASP A 1346 -20.99 30.98 -27.63
C ASP A 1346 -20.52 29.54 -27.49
N ALA A 1347 -19.25 29.28 -27.80
CA ALA A 1347 -18.72 27.91 -27.74
C ALA A 1347 -18.77 27.40 -26.31
N VAL A 1348 -18.33 28.22 -25.36
CA VAL A 1348 -18.28 27.70 -23.96
C VAL A 1348 -19.70 27.40 -23.53
N LYS A 1349 -20.65 28.23 -23.96
CA LYS A 1349 -22.06 28.07 -23.53
C LYS A 1349 -22.60 26.74 -24.08
N GLN A 1350 -22.32 26.47 -25.35
CA GLN A 1350 -22.78 25.19 -25.96
C GLN A 1350 -22.16 24.04 -25.16
N ALA A 1351 -20.87 24.15 -24.83
CA ALA A 1351 -20.19 23.03 -24.14
C ALA A 1351 -20.84 22.78 -22.78
N MET A 1352 -21.15 23.87 -22.05
CA MET A 1352 -21.78 23.72 -20.72
C MET A 1352 -23.16 23.09 -20.88
N LYS A 1353 -23.90 23.46 -21.94
CA LYS A 1353 -25.23 22.87 -22.21
C LYS A 1353 -25.08 21.36 -22.28
N GLU A 1354 -24.16 20.87 -23.12
CA GLU A 1354 -23.93 19.42 -23.25
C GLU A 1354 -23.79 18.79 -21.87
N ILE A 1355 -22.89 19.34 -21.03
CA ILE A 1355 -22.69 18.80 -19.66
C ILE A 1355 -23.99 18.96 -18.87
N THR A 1356 -24.69 20.08 -19.06
CA THR A 1356 -25.98 20.31 -18.34
C THR A 1356 -26.98 19.23 -18.75
N ASP A 1357 -27.05 18.92 -20.04
CA ASP A 1357 -27.98 17.86 -20.52
C ASP A 1357 -27.56 16.52 -19.91
N LYS A 1358 -26.26 16.26 -19.85
CA LYS A 1358 -25.75 14.97 -19.30
C LYS A 1358 -26.38 14.73 -17.92
N ALA A 1362 -23.48 11.96 -16.02
CA ALA A 1362 -22.25 12.46 -16.67
C ALA A 1362 -21.02 11.92 -15.94
N SER A 1363 -19.93 11.66 -16.67
CA SER A 1363 -18.70 11.07 -16.07
C SER A 1363 -17.97 12.11 -15.21
N VAL A 1364 -17.10 11.67 -14.31
CA VAL A 1364 -16.30 12.65 -13.54
C VAL A 1364 -15.64 13.60 -14.53
N LYS A 1365 -15.12 13.07 -15.63
CA LYS A 1365 -14.37 13.92 -16.58
C LYS A 1365 -15.29 15.02 -17.09
N GLU A 1366 -16.53 14.67 -17.43
CA GLU A 1366 -17.43 15.69 -18.03
C GLU A 1366 -17.63 16.83 -17.04
N LYS A 1367 -17.87 16.52 -15.76
CA LYS A 1367 -18.12 17.56 -14.74
C LYS A 1367 -16.85 18.39 -14.50
N ASN A 1368 -15.67 17.75 -14.51
CA ASN A 1368 -14.42 18.55 -14.37
C ASN A 1368 -14.31 19.54 -15.53
N GLN A 1369 -14.60 19.05 -16.75
CA GLN A 1369 -14.49 19.92 -17.94
C GLN A 1369 -15.49 21.05 -17.74
N LEU A 1370 -16.68 20.74 -17.20
CA LEU A 1370 -17.76 21.76 -17.02
C LEU A 1370 -17.30 22.82 -16.02
N THR A 1371 -16.67 22.45 -14.91
CA THR A 1371 -16.14 23.49 -13.99
C THR A 1371 -15.11 24.35 -14.71
N VAL A 1372 -14.18 23.72 -15.45
CA VAL A 1372 -13.18 24.62 -16.09
C VAL A 1372 -13.91 25.54 -17.06
N LEU A 1373 -14.90 25.03 -17.79
CA LEU A 1373 -15.59 25.81 -18.84
C LEU A 1373 -16.37 26.95 -18.20
N GLU A 1374 -16.94 26.72 -17.02
CA GLU A 1374 -17.71 27.74 -16.28
C GLU A 1374 -16.75 28.84 -15.85
N LEU A 1375 -15.58 28.48 -15.32
CA LEU A 1375 -14.67 29.60 -14.98
C LEU A 1375 -14.31 30.33 -16.28
N ALA A 1376 -14.19 29.58 -17.37
CA ALA A 1376 -13.81 30.17 -18.66
C ALA A 1376 -14.88 31.17 -19.09
N ASN A 1377 -16.14 30.80 -18.97
CA ASN A 1377 -17.27 31.67 -19.39
C ASN A 1377 -17.27 32.87 -18.48
N GLU A 1378 -17.02 32.71 -17.18
CA GLU A 1378 -17.00 33.93 -16.34
C GLU A 1378 -15.92 34.85 -16.91
N MET A 1379 -14.72 34.32 -17.14
CA MET A 1379 -13.63 35.20 -17.58
C MET A 1379 -14.01 35.86 -18.91
N LEU A 1380 -14.65 35.13 -19.83
CA LEU A 1380 -14.96 35.67 -21.17
C LEU A 1380 -16.03 36.75 -21.02
N GLU A 1381 -17.08 36.48 -20.25
CA GLU A 1381 -18.11 37.52 -20.01
C GLU A 1381 -17.47 38.76 -19.40
N ARG A 1382 -16.30 38.65 -18.79
CA ARG A 1382 -15.69 39.82 -18.09
C ARG A 1382 -14.80 40.61 -19.05
N GLY A 1383 -14.73 40.19 -20.31
CA GLY A 1383 -13.97 40.96 -21.32
C GLY A 1383 -12.59 40.37 -21.56
N PHE A 1384 -12.08 39.55 -20.64
CA PHE A 1384 -10.78 38.88 -20.86
C PHE A 1384 -10.98 37.80 -21.93
N LYS A 1385 -9.89 37.34 -22.56
CA LYS A 1385 -10.01 36.35 -23.67
C LYS A 1385 -8.98 35.23 -23.48
N PHE A 1386 -9.09 34.15 -24.25
CA PHE A 1386 -8.04 33.11 -24.20
C PHE A 1386 -7.29 33.12 -25.53
N GLY A 1387 -6.13 32.47 -25.61
CA GLY A 1387 -5.34 32.42 -26.84
C GLY A 1387 -4.95 31.00 -27.20
N MET A 1388 -4.83 30.70 -28.50
CA MET A 1388 -4.41 29.34 -28.94
C MET A 1388 -2.95 29.14 -28.52
N ILE A 1389 -2.53 27.89 -28.33
CA ILE A 1389 -1.13 27.61 -27.89
C ILE A 1389 -0.17 28.20 -28.92
N ASP A 1390 0.86 28.90 -28.47
CA ASP A 1390 1.82 29.56 -29.38
C ASP A 1390 3.17 28.84 -29.27
N LEU A 1391 3.82 28.54 -30.40
CA LEU A 1391 5.08 27.76 -30.37
C LEU A 1391 6.13 28.56 -29.61
N TYR A 1392 6.20 29.87 -29.84
CA TYR A 1392 7.22 30.70 -29.16
C TYR A 1392 6.56 31.54 -28.06
N LYS A 1393 5.34 31.26 -27.64
CA LYS A 1393 4.82 32.08 -26.50
C LYS A 1393 4.07 31.21 -25.48
N SER A 1394 4.30 29.90 -25.47
CA SER A 1394 3.49 29.06 -24.55
C SER A 1394 4.36 28.32 -23.54
N ASP A 1395 4.15 28.56 -22.25
CA ASP A 1395 4.90 27.80 -21.21
C ASP A 1395 4.34 26.38 -21.18
N ALA A 1396 5.12 25.42 -20.71
CA ALA A 1396 4.68 24.00 -20.74
C ALA A 1396 3.44 23.79 -19.88
N VAL A 1397 3.42 24.32 -18.65
CA VAL A 1397 2.27 24.00 -17.76
C VAL A 1397 1.53 25.27 -17.32
N ASN A 1398 2.19 26.43 -17.36
CA ASN A 1398 1.56 27.65 -16.81
C ASN A 1398 1.02 28.55 -17.92
N PHE A 1399 -0.19 29.08 -17.72
CA PHE A 1399 -0.76 30.04 -18.70
C PHE A 1399 0.05 31.32 -18.61
N VAL A 1400 0.16 32.05 -19.71
CA VAL A 1400 0.98 33.29 -19.74
C VAL A 1400 0.03 34.46 -19.98
N ILE A 1401 0.41 35.67 -19.62
CA ILE A 1401 -0.57 36.80 -19.72
C ILE A 1401 -0.07 37.88 -20.68
N GLU A 1402 -0.84 38.18 -21.72
CA GLU A 1402 -0.52 39.33 -22.60
C GLU A 1402 -1.81 40.13 -22.75
N GLY A 1403 -1.85 41.36 -22.22
CA GLY A 1403 -3.11 42.13 -22.25
C GLY A 1403 -4.23 41.43 -21.51
N ASP A 1404 -5.40 41.28 -22.13
CA ASP A 1404 -6.51 40.53 -21.49
C ASP A 1404 -6.59 39.14 -22.12
N THR A 1405 -5.47 38.61 -22.61
CA THR A 1405 -5.48 37.24 -23.17
C THR A 1405 -4.41 36.38 -22.51
N LEU A 1406 -4.79 35.19 -22.02
CA LEU A 1406 -3.80 34.26 -21.42
C LEU A 1406 -3.35 33.26 -22.49
N ILE A 1407 -2.09 33.35 -22.95
CA ILE A 1407 -1.58 32.36 -23.92
C ILE A 1407 -1.72 30.99 -23.25
N ALA A 1408 -2.04 29.95 -24.01
CA ALA A 1408 -2.36 28.65 -23.37
C ALA A 1408 -1.17 27.71 -23.30
N PRO A 1409 -1.05 26.88 -22.24
CA PRO A 1409 0.08 25.97 -22.11
C PRO A 1409 -0.02 24.83 -23.12
N PHE A 1410 1.13 24.32 -23.56
CA PHE A 1410 1.14 23.18 -24.51
C PHE A 1410 0.42 22.02 -23.83
N ARG A 1411 0.50 21.95 -22.51
CA ARG A 1411 -0.11 20.81 -21.77
C ARG A 1411 -1.61 20.73 -22.08
N ALA A 1412 -2.27 21.87 -22.20
CA ALA A 1412 -3.73 21.90 -22.45
C ALA A 1412 -4.09 21.23 -23.78
N VAL A 1413 -3.31 21.49 -24.83
CA VAL A 1413 -3.67 20.91 -26.16
C VAL A 1413 -4.01 19.45 -25.94
N PRO A 1414 -5.03 18.87 -26.61
CA PRO A 1414 -5.43 17.51 -26.30
C PRO A 1414 -4.26 16.53 -26.35
N SER A 1415 -3.93 15.91 -25.21
CA SER A 1415 -2.86 14.87 -25.17
C SER A 1415 -1.55 15.35 -25.83
N LEU A 1416 -1.19 16.63 -25.69
CA LEU A 1416 0.13 17.09 -26.19
C LEU A 1416 1.16 16.52 -25.23
N GLY A 1417 0.69 16.02 -24.08
CA GLY A 1417 1.61 15.33 -23.15
C GLY A 1417 2.37 16.32 -22.28
N THR A 1418 3.15 15.81 -21.34
CA THR A 1418 3.96 16.67 -20.44
C THR A 1418 5.43 16.56 -20.85
N ASN A 1419 5.91 15.34 -21.10
CA ASN A 1419 7.30 15.14 -21.56
C ASN A 1419 7.45 15.83 -22.92
N VAL A 1420 6.45 15.64 -23.80
CA VAL A 1420 6.49 16.32 -25.13
C VAL A 1420 6.52 17.83 -24.87
N ALA A 1421 5.77 18.29 -23.87
CA ALA A 1421 5.69 19.75 -23.60
C ALA A 1421 7.08 20.27 -23.21
N LYS A 1422 7.75 19.56 -22.31
CA LYS A 1422 9.09 19.99 -21.86
C LYS A 1422 10.03 19.98 -23.05
N GLN A 1423 9.90 18.98 -23.92
CA GLN A 1423 10.80 18.86 -25.09
C GLN A 1423 10.60 20.04 -26.04
N ILE A 1424 9.34 20.42 -26.25
CA ILE A 1424 9.03 21.59 -27.11
C ILE A 1424 9.65 22.82 -26.47
N VAL A 1425 9.56 22.93 -25.14
CA VAL A 1425 10.10 24.16 -24.50
C VAL A 1425 11.61 24.16 -24.74
N GLU A 1426 12.24 22.99 -24.63
CA GLU A 1426 13.71 22.88 -24.85
C GLU A 1426 14.04 23.34 -26.27
N ALA A 1427 13.27 22.88 -27.26
CA ALA A 1427 13.48 23.36 -28.64
C ALA A 1427 13.29 24.88 -28.68
N SER A 1435 10.84 23.96 -38.99
CA SER A 1435 9.90 23.35 -39.98
C SER A 1435 8.81 22.57 -39.22
N LYS A 1436 7.70 22.28 -39.88
CA LYS A 1436 6.64 21.48 -39.21
C LYS A 1436 7.23 20.11 -38.85
N GLU A 1437 7.98 19.51 -39.77
CA GLU A 1437 8.58 18.18 -39.54
C GLU A 1437 9.60 18.28 -38.40
N ASP A 1438 10.36 19.38 -38.36
CA ASP A 1438 11.39 19.58 -37.30
C ASP A 1438 10.68 19.64 -35.95
N LEU A 1439 9.54 20.34 -35.90
CA LEU A 1439 8.77 20.47 -34.65
C LEU A 1439 8.27 19.08 -34.25
N ALA A 1440 7.81 18.31 -35.23
CA ALA A 1440 7.29 16.95 -34.94
C ALA A 1440 8.41 16.13 -34.32
N THR A 1441 9.62 16.27 -34.89
CA THR A 1441 10.78 15.52 -34.38
C THR A 1441 11.07 15.93 -32.93
N ARG A 1442 11.10 17.23 -32.67
CA ARG A 1442 11.45 17.66 -31.29
C ARG A 1442 10.40 17.08 -30.37
N GLY A 1443 9.14 17.07 -30.80
CA GLY A 1443 8.04 16.58 -29.95
C GLY A 1443 8.19 15.11 -29.63
N LYS A 1444 8.49 14.30 -30.66
CA LYS A 1444 8.59 12.83 -30.45
C LYS A 1444 9.85 12.52 -29.64
N SER A 1446 4.35 13.57 -32.34
CA SER A 1446 3.12 12.78 -32.61
C SER A 1446 2.35 13.41 -33.78
N LYS A 1447 2.13 12.63 -34.84
CA LYS A 1447 1.47 13.18 -36.05
C LYS A 1447 0.07 13.64 -35.67
N THR A 1448 -0.62 12.93 -34.77
CA THR A 1448 -2.02 13.29 -34.47
C THR A 1448 -2.05 14.69 -33.84
N LEU A 1449 -1.12 14.91 -32.82
CA LEU A 1449 -1.06 16.30 -32.27
C LEU A 1449 -0.54 17.24 -33.35
N ILE A 1450 0.30 16.95 -34.22
CA ILE A 1450 0.69 17.94 -35.26
C ILE A 1450 -0.57 18.30 -36.05
N GLU A 1451 -1.40 17.31 -36.33
CA GLU A 1451 -2.65 17.55 -37.11
C GLU A 1451 -3.55 18.47 -36.31
N TYR A 1452 -3.61 18.27 -34.98
CA TYR A 1452 -4.43 19.16 -34.11
C TYR A 1452 -4.02 20.63 -34.30
N MET A 1453 -2.73 20.92 -34.12
CA MET A 1453 -2.23 22.32 -34.28
C MET A 1453 -2.45 22.76 -35.72
N ASN A 1454 -2.19 21.88 -36.68
CA ASN A 1454 -2.31 22.24 -38.11
C ASN A 1454 -3.74 22.69 -38.38
N ASP A 1455 -4.69 22.23 -37.58
CA ASP A 1455 -6.13 22.53 -37.77
C ASP A 1455 -6.52 23.74 -36.91
N ASN A 1456 -5.86 23.91 -35.76
CA ASN A 1456 -6.18 25.03 -34.83
C ASN A 1456 -5.40 26.31 -35.15
N GLY A 1457 -4.52 26.32 -36.16
CA GLY A 1457 -3.87 27.59 -36.58
C GLY A 1457 -2.48 27.95 -36.02
N VAL A 1458 -1.80 27.05 -35.32
CA VAL A 1458 -0.41 27.34 -34.87
C VAL A 1458 0.54 26.97 -36.01
N LEU A 1459 0.52 25.72 -36.46
CA LEU A 1459 1.32 25.23 -37.60
C LEU A 1459 1.03 26.11 -38.83
N LYS A 1460 -0.18 26.65 -38.95
CA LYS A 1460 -0.45 27.56 -40.08
C LYS A 1460 0.48 28.77 -39.89
N ASP A 1461 0.63 29.19 -38.65
CA ASP A 1461 1.50 30.34 -38.31
C ASP A 1461 2.94 29.97 -38.71
#